data_4ITB
#
_entry.id   4ITB
#
_cell.length_a   43.003
_cell.length_b   115.434
_cell.length_c   180.102
_cell.angle_alpha   90.000
_cell.angle_beta   90.000
_cell.angle_gamma   90.000
#
_symmetry.space_group_name_H-M   'P 21 21 21'
#
loop_
_entity.id
_entity.type
_entity.pdbx_description
1 polymer 'Succinate-semialdehyde dehydrogenase'
2 non-polymer 'NADPH DIHYDRO-NICOTINAMIDE-ADENINE-DINUCLEOTIDE PHOSPHATE'
3 non-polymer '4-oxobutanoic acid'
4 non-polymer 1,2-ETHANEDIOL
5 water water
#
_entity_poly.entity_id   1
_entity_poly.type   'polypeptide(L)'
_entity_poly.pdbx_seq_one_letter_code
;GHMAIATINPTTGEICQRFKALTPAEIDAKLAKAQEAFQAYRRTSFSQRRQWLENAAAILERDTSKFAEIMTTEMGKTHQ
SAIAEAEKSALVCRYYAEHGEQFLANEYTETQATESYVCYQPLGILLAVMPWNFPFWQVFRFAAPALMAGNVAVLKHASN
VPQCALAVEAILEAAGFPEGVFQTLLIGASQVEQVIKDPRVKAATLTGSEPAGASLASLAGQEIKPTLLELGGSDPFVVF
PSADLDEAVEVGTVARTMNNGQSCIAAKRFILHEAIAAEFLEKLHLKFASLKIGDPMAPETDIGPLATEGILQDISRQVD
QAVAAGAKILLGGRPLDRAGYFYPPTILTEIPPGAKILQEELFAPVAMVFTVKDLDQAIALANDIPFGLGASAWTNDPAE
QQRFIQELDAGAVFINGMVKSDPRLPFGGTKRSGYGRELGLAGIRTFVNAKTVWLK
;
_entity_poly.pdbx_strand_id   A,B
#
# COMPACT_ATOMS: atom_id res chain seq x y z
N ALA A 4 4.73 1.10 -31.12
CA ALA A 4 3.43 1.23 -31.76
C ALA A 4 2.45 0.17 -31.24
N ILE A 5 1.15 0.48 -31.31
CA ILE A 5 0.15 -0.48 -30.90
C ILE A 5 -0.20 -1.35 -32.10
N ALA A 6 0.15 -2.62 -32.02
CA ALA A 6 0.04 -3.48 -33.18
C ALA A 6 0.12 -4.94 -32.79
N THR A 7 -0.53 -5.78 -33.59
CA THR A 7 -0.32 -7.22 -33.55
C THR A 7 0.81 -7.52 -34.52
N ILE A 8 1.94 -7.99 -33.98
CA ILE A 8 3.04 -8.47 -34.79
C ILE A 8 3.32 -9.89 -34.32
N ASN A 9 3.06 -10.85 -35.21
CA ASN A 9 3.15 -12.27 -34.87
C ASN A 9 4.62 -12.65 -34.64
N PRO A 10 4.99 -13.03 -33.41
CA PRO A 10 6.41 -13.30 -33.13
C PRO A 10 6.93 -14.59 -33.75
N THR A 11 6.04 -15.44 -34.25
CA THR A 11 6.46 -16.66 -34.93
C THR A 11 6.98 -16.37 -36.34
N THR A 12 6.43 -15.35 -36.98
CA THR A 12 6.77 -15.03 -38.36
C THR A 12 7.41 -13.66 -38.53
N GLY A 13 7.19 -12.78 -37.55
CA GLY A 13 7.64 -11.40 -37.67
C GLY A 13 6.66 -10.53 -38.46
N GLU A 14 5.55 -11.13 -38.90
CA GLU A 14 4.59 -10.39 -39.74
C GLU A 14 3.76 -9.40 -38.93
N ILE A 15 3.69 -8.17 -39.42
CA ILE A 15 2.76 -7.19 -38.88
C ILE A 15 1.36 -7.54 -39.37
N CYS A 16 0.45 -7.80 -38.44
CA CYS A 16 -0.88 -8.31 -38.78
C CYS A 16 -1.96 -7.24 -38.75
N GLN A 17 -1.90 -6.37 -37.75
CA GLN A 17 -2.89 -5.30 -37.60
C GLN A 17 -2.33 -4.17 -36.77
N ARG A 18 -2.63 -2.95 -37.17
CA ARG A 18 -2.21 -1.77 -36.42
C ARG A 18 -3.43 -1.09 -35.84
N PHE A 19 -3.22 -0.42 -34.72
CA PHE A 19 -4.30 0.26 -34.01
C PHE A 19 -3.94 1.70 -33.72
N LYS A 20 -4.92 2.58 -33.82
CA LYS A 20 -4.76 3.99 -33.51
C LYS A 20 -4.84 4.17 -32.00
N ALA A 21 -3.86 4.87 -31.43
CA ALA A 21 -3.90 5.19 -30.01
C ALA A 21 -4.97 6.23 -29.74
N LEU A 22 -5.58 6.17 -28.56
CA LEU A 22 -6.53 7.20 -28.14
C LEU A 22 -5.83 8.53 -27.98
N THR A 23 -6.54 9.62 -28.22
CA THR A 23 -6.04 10.95 -27.91
C THR A 23 -6.32 11.26 -26.44
N PRO A 24 -5.64 12.27 -25.89
CA PRO A 24 -5.96 12.71 -24.53
C PRO A 24 -7.44 13.06 -24.34
N ALA A 25 -8.07 13.67 -25.33
CA ALA A 25 -9.51 13.97 -25.21
C ALA A 25 -10.33 12.68 -25.13
N GLU A 26 -9.95 11.67 -25.92
CA GLU A 26 -10.63 10.38 -25.88
C GLU A 26 -10.42 9.65 -24.53
N ILE A 27 -9.21 9.74 -23.99
CA ILE A 27 -8.94 9.21 -22.66
C ILE A 27 -9.82 9.89 -21.62
N ASP A 28 -9.88 11.22 -21.69
CA ASP A 28 -10.72 11.99 -20.77
C ASP A 28 -12.17 11.54 -20.82
N ALA A 29 -12.68 11.33 -22.03
CA ALA A 29 -14.07 10.89 -22.19
C ALA A 29 -14.29 9.52 -21.55
N LYS A 30 -13.32 8.63 -21.71
CA LYS A 30 -13.44 7.33 -21.07
C LYS A 30 -13.43 7.42 -19.55
N LEU A 31 -12.63 8.32 -19.00
CA LEU A 31 -12.60 8.52 -17.55
C LEU A 31 -13.89 9.13 -17.04
N ALA A 32 -14.46 10.07 -17.79
CA ALA A 32 -15.75 10.64 -17.42
C ALA A 32 -16.82 9.55 -17.40
N LYS A 33 -16.81 8.67 -18.39
CA LYS A 33 -17.80 7.59 -18.43
C LYS A 33 -17.58 6.60 -17.30
N ALA A 34 -16.32 6.31 -16.99
CA ALA A 34 -16.00 5.42 -15.86
C ALA A 34 -16.53 5.99 -14.54
N GLN A 35 -16.40 7.29 -14.36
CA GLN A 35 -16.90 7.94 -13.15
C GLN A 35 -18.41 7.84 -13.05
N GLU A 36 -19.11 8.11 -14.14
CA GLU A 36 -20.56 7.97 -14.17
C GLU A 36 -20.94 6.52 -13.91
N ALA A 37 -20.26 5.58 -14.54
CA ALA A 37 -20.55 4.17 -14.35
C ALA A 37 -20.35 3.76 -12.89
N PHE A 38 -19.27 4.24 -12.28
CA PHE A 38 -18.97 3.91 -10.89
C PHE A 38 -20.10 4.35 -9.95
N GLN A 39 -20.65 5.53 -10.20
CA GLN A 39 -21.68 6.05 -9.31
C GLN A 39 -22.90 5.11 -9.25
N ALA A 40 -23.19 4.45 -10.36
CA ALA A 40 -24.28 3.47 -10.37
C ALA A 40 -23.80 2.08 -9.94
N TYR A 41 -22.60 1.71 -10.37
CA TYR A 41 -22.09 0.37 -10.14
C TYR A 41 -21.82 0.09 -8.66
N ARG A 42 -21.40 1.11 -7.92
CA ARG A 42 -21.14 0.95 -6.49
C ARG A 42 -22.42 0.60 -5.74
N ARG A 43 -23.57 0.85 -6.37
CA ARG A 43 -24.87 0.58 -5.76
C ARG A 43 -25.44 -0.78 -6.16
N THR A 44 -24.77 -1.49 -7.08
CA THR A 44 -25.23 -2.82 -7.46
C THR A 44 -25.06 -3.80 -6.31
N SER A 45 -25.89 -4.84 -6.31
CA SER A 45 -25.78 -5.87 -5.29
C SER A 45 -24.67 -6.84 -5.63
N PHE A 46 -24.16 -7.52 -4.62
CA PHE A 46 -23.24 -8.62 -4.87
C PHE A 46 -23.83 -9.69 -5.78
N SER A 47 -25.14 -9.91 -5.72
CA SER A 47 -25.75 -10.91 -6.60
C SER A 47 -25.59 -10.58 -8.07
N GLN A 48 -25.75 -9.30 -8.42
CA GLN A 48 -25.54 -8.86 -9.79
C GLN A 48 -24.07 -9.02 -10.19
N ARG A 49 -23.16 -8.55 -9.35
CA ARG A 49 -21.74 -8.64 -9.66
C ARG A 49 -21.30 -10.09 -9.82
N ARG A 50 -21.81 -10.95 -8.94
CA ARG A 50 -21.52 -12.38 -8.98
C ARG A 50 -22.03 -13.02 -10.29
N GLN A 51 -23.24 -12.65 -10.69
CA GLN A 51 -23.81 -13.15 -11.93
C GLN A 51 -22.93 -12.80 -13.12
N TRP A 52 -22.52 -11.53 -13.20
CA TRP A 52 -21.71 -11.08 -14.32
C TRP A 52 -20.32 -11.74 -14.31
N LEU A 53 -19.73 -11.88 -13.13
CA LEU A 53 -18.43 -12.56 -13.02
C LEU A 53 -18.53 -14.04 -13.42
N GLU A 54 -19.58 -14.71 -12.98
CA GLU A 54 -19.78 -16.10 -13.36
C GLU A 54 -20.07 -16.24 -14.85
N ASN A 55 -20.79 -15.27 -15.42
CA ASN A 55 -20.99 -15.25 -16.87
C ASN A 55 -19.66 -15.13 -17.62
N ALA A 56 -18.78 -14.27 -17.11
CA ALA A 56 -17.46 -14.09 -17.72
C ALA A 56 -16.66 -15.39 -17.66
N ALA A 57 -16.71 -16.08 -16.52
CA ALA A 57 -16.07 -17.39 -16.39
C ALA A 57 -16.60 -18.37 -17.42
N ALA A 58 -17.92 -18.38 -17.58
CA ALA A 58 -18.54 -19.32 -18.53
C ALA A 58 -18.13 -19.02 -19.97
N ILE A 59 -17.97 -17.74 -20.31
CA ILE A 59 -17.48 -17.36 -21.63
C ILE A 59 -16.05 -17.85 -21.84
N LEU A 60 -15.19 -17.62 -20.86
CA LEU A 60 -13.81 -18.09 -20.92
C LEU A 60 -13.73 -19.60 -21.03
N GLU A 61 -14.61 -20.31 -20.33
CA GLU A 61 -14.63 -21.77 -20.34
C GLU A 61 -15.15 -22.36 -21.65
N ARG A 62 -16.01 -21.61 -22.34
CA ARG A 62 -16.59 -22.11 -23.59
C ARG A 62 -15.66 -21.87 -24.76
N ASP A 63 -15.13 -20.65 -24.86
CA ASP A 63 -14.38 -20.24 -26.06
C ASP A 63 -12.88 -20.21 -25.80
N THR A 64 -12.44 -21.11 -24.92
CA THR A 64 -11.06 -21.18 -24.47
C THR A 64 -10.05 -21.26 -25.61
N SER A 65 -10.32 -22.11 -26.60
CA SER A 65 -9.38 -22.29 -27.70
C SER A 65 -9.27 -21.03 -28.57
N LYS A 66 -10.39 -20.36 -28.80
CA LYS A 66 -10.38 -19.13 -29.56
C LYS A 66 -9.56 -18.04 -28.87
N PHE A 67 -9.78 -17.86 -27.57
CA PHE A 67 -9.05 -16.84 -26.83
C PHE A 67 -7.57 -17.19 -26.81
N ALA A 68 -7.27 -18.47 -26.63
CA ALA A 68 -5.89 -18.94 -26.64
C ALA A 68 -5.22 -18.62 -27.97
N GLU A 69 -5.94 -18.77 -29.07
CA GLU A 69 -5.37 -18.47 -30.38
C GLU A 69 -4.98 -16.99 -30.48
N ILE A 70 -5.78 -16.12 -29.89
CA ILE A 70 -5.44 -14.69 -29.90
C ILE A 70 -4.12 -14.48 -29.16
N MET A 71 -3.99 -15.08 -27.98
CA MET A 71 -2.77 -14.93 -27.18
C MET A 71 -1.55 -15.44 -27.94
N THR A 72 -1.65 -16.63 -28.49
CA THR A 72 -0.54 -17.24 -29.22
C THR A 72 -0.13 -16.40 -30.44
N THR A 73 -1.12 -15.92 -31.18
CA THR A 73 -0.86 -15.10 -32.34
C THR A 73 -0.11 -13.81 -31.98
N GLU A 74 -0.54 -13.16 -30.89
CA GLU A 74 0.03 -11.87 -30.54
C GLU A 74 1.38 -11.95 -29.85
N MET A 75 1.55 -12.95 -28.97
CA MET A 75 2.71 -12.95 -28.10
C MET A 75 3.49 -14.28 -27.99
N GLY A 76 3.06 -15.31 -28.72
CA GLY A 76 3.90 -16.47 -28.97
C GLY A 76 3.92 -17.61 -27.97
N LYS A 77 3.16 -17.51 -26.89
CA LYS A 77 3.10 -18.65 -25.95
C LYS A 77 2.39 -19.81 -26.62
N THR A 78 2.66 -21.05 -26.19
CA THR A 78 2.03 -22.19 -26.85
C THR A 78 0.52 -22.11 -26.70
N HIS A 79 -0.20 -22.58 -27.72
CA HIS A 79 -1.65 -22.59 -27.68
C HIS A 79 -2.15 -23.40 -26.48
N GLN A 80 -1.47 -24.50 -26.17
CA GLN A 80 -1.85 -25.31 -25.02
C GLN A 80 -1.73 -24.54 -23.69
N SER A 81 -0.64 -23.80 -23.52
CA SER A 81 -0.48 -23.00 -22.30
C SER A 81 -1.44 -21.81 -22.28
N ALA A 82 -1.81 -21.31 -23.45
CA ALA A 82 -2.78 -20.22 -23.53
C ALA A 82 -4.19 -20.72 -23.17
N ILE A 83 -4.50 -21.97 -23.53
CA ILE A 83 -5.74 -22.59 -23.08
C ILE A 83 -5.76 -22.64 -21.56
N ALA A 84 -4.66 -23.09 -20.96
CA ALA A 84 -4.56 -23.11 -19.50
C ALA A 84 -4.71 -21.73 -18.90
N GLU A 85 -4.16 -20.72 -19.57
CA GLU A 85 -4.27 -19.35 -19.09
C GLU A 85 -5.73 -18.85 -19.10
N ALA A 86 -6.47 -19.17 -20.15
CA ALA A 86 -7.89 -18.82 -20.21
C ALA A 86 -8.67 -19.54 -19.12
N GLU A 87 -8.35 -20.80 -18.86
CA GLU A 87 -8.98 -21.55 -17.80
C GLU A 87 -8.70 -20.95 -16.43
N LYS A 88 -7.46 -20.51 -16.21
CA LYS A 88 -7.09 -19.95 -14.92
C LYS A 88 -7.78 -18.59 -14.73
N SER A 89 -7.95 -17.85 -15.83
CA SER A 89 -8.72 -16.61 -15.82
C SER A 89 -10.16 -16.86 -15.37
N ALA A 90 -10.78 -17.92 -15.89
CA ALA A 90 -12.13 -18.27 -15.46
C ALA A 90 -12.14 -18.61 -13.98
N LEU A 91 -11.10 -19.32 -13.53
CA LEU A 91 -11.02 -19.75 -12.15
C LEU A 91 -11.02 -18.57 -11.17
N VAL A 92 -10.28 -17.52 -11.48
CA VAL A 92 -10.22 -16.39 -10.56
C VAL A 92 -11.53 -15.60 -10.56
N CYS A 93 -12.22 -15.57 -11.70
CA CYS A 93 -13.56 -14.99 -11.77
C CYS A 93 -14.49 -15.76 -10.83
N ARG A 94 -14.45 -17.09 -10.90
CA ARG A 94 -15.29 -17.89 -10.01
C ARG A 94 -14.90 -17.75 -8.56
N TYR A 95 -13.60 -17.64 -8.27
CA TYR A 95 -13.13 -17.51 -6.91
C TYR A 95 -13.72 -16.27 -6.24
N TYR A 96 -13.66 -15.13 -6.90
CA TYR A 96 -14.23 -13.93 -6.29
C TYR A 96 -15.75 -13.88 -6.33
N ALA A 97 -16.38 -14.49 -7.35
CA ALA A 97 -17.83 -14.67 -7.30
C ALA A 97 -18.22 -15.46 -6.05
N GLU A 98 -17.45 -16.51 -5.75
CA GLU A 98 -17.81 -17.43 -4.66
C GLU A 98 -17.47 -16.91 -3.27
N HIS A 99 -16.47 -16.04 -3.16
CA HIS A 99 -15.95 -15.62 -1.85
C HIS A 99 -15.99 -14.13 -1.58
N GLY A 100 -16.16 -13.33 -2.63
CA GLY A 100 -16.00 -11.88 -2.52
C GLY A 100 -16.89 -11.21 -1.51
N GLU A 101 -18.16 -11.59 -1.47
CA GLU A 101 -19.07 -10.96 -0.52
C GLU A 101 -18.64 -11.24 0.92
N GLN A 102 -18.31 -12.50 1.19
CA GLN A 102 -17.85 -12.90 2.51
C GLN A 102 -16.58 -12.14 2.88
N PHE A 103 -15.67 -12.04 1.93
CA PHE A 103 -14.40 -11.36 2.14
C PHE A 103 -14.57 -9.88 2.44
N LEU A 104 -15.69 -9.29 2.05
CA LEU A 104 -15.93 -7.86 2.24
C LEU A 104 -16.98 -7.55 3.32
N ALA A 105 -17.42 -8.57 4.03
CA ALA A 105 -18.45 -8.39 5.05
C ALA A 105 -17.92 -7.56 6.22
N ASN A 106 -18.84 -6.87 6.89
CA ASN A 106 -18.50 -6.09 8.09
C ASN A 106 -17.77 -6.95 9.10
N GLU A 107 -16.74 -6.38 9.71
CA GLU A 107 -16.01 -7.05 10.78
C GLU A 107 -16.21 -6.25 12.06
N TYR A 108 -16.88 -6.86 13.03
CA TYR A 108 -17.27 -6.15 14.25
C TYR A 108 -16.21 -6.30 15.32
N THR A 109 -15.99 -5.21 16.05
CA THR A 109 -15.03 -5.19 17.16
C THR A 109 -15.75 -4.59 18.35
N GLU A 110 -15.63 -5.23 19.50
CA GLU A 110 -16.31 -4.75 20.70
C GLU A 110 -15.64 -3.54 21.31
N THR A 111 -16.43 -2.49 21.51
CA THR A 111 -15.98 -1.28 22.21
C THR A 111 -17.16 -0.80 23.06
N GLN A 112 -17.08 0.42 23.60
CA GLN A 112 -18.22 0.98 24.33
C GLN A 112 -19.32 1.47 23.38
N ALA A 113 -19.02 1.47 22.08
CA ALA A 113 -20.04 1.78 21.08
C ALA A 113 -21.15 0.73 21.12
N THR A 114 -22.37 1.14 20.80
CA THR A 114 -23.45 0.19 20.57
C THR A 114 -23.09 -0.68 19.36
N GLU A 115 -22.51 -0.04 18.36
CA GLU A 115 -22.04 -0.72 17.16
C GLU A 115 -20.71 -0.15 16.74
N SER A 116 -19.71 -1.01 16.59
CA SER A 116 -18.44 -0.58 16.00
C SER A 116 -17.89 -1.68 15.11
N TYR A 117 -17.50 -1.31 13.90
CA TYR A 117 -17.07 -2.28 12.91
C TYR A 117 -16.27 -1.62 11.81
N VAL A 118 -15.66 -2.45 10.97
CA VAL A 118 -15.07 -1.99 9.73
C VAL A 118 -15.94 -2.52 8.60
N CYS A 119 -16.30 -1.65 7.66
CA CYS A 119 -16.95 -2.10 6.43
C CYS A 119 -16.02 -1.78 5.27
N TYR A 120 -16.32 -2.35 4.12
CA TYR A 120 -15.40 -2.28 2.99
C TYR A 120 -16.17 -1.74 1.80
N GLN A 121 -15.69 -0.62 1.26
CA GLN A 121 -16.38 0.04 0.15
C GLN A 121 -15.38 0.34 -0.97
N PRO A 122 -15.84 0.34 -2.22
CA PRO A 122 -14.92 0.57 -3.34
C PRO A 122 -14.34 1.98 -3.34
N LEU A 123 -13.13 2.11 -3.88
CA LEU A 123 -12.50 3.41 -4.02
C LEU A 123 -13.02 4.22 -5.21
N GLY A 124 -13.30 3.56 -6.33
CA GLY A 124 -13.70 4.26 -7.55
C GLY A 124 -12.95 3.69 -8.74
N ILE A 125 -12.45 4.57 -9.61
CA ILE A 125 -11.72 4.13 -10.79
C ILE A 125 -10.32 3.66 -10.43
N LEU A 126 -10.02 2.43 -10.82
CA LEU A 126 -8.68 1.86 -10.70
C LEU A 126 -8.02 1.76 -12.07
N LEU A 127 -6.77 2.21 -12.15
CA LEU A 127 -5.96 2.01 -13.34
C LEU A 127 -5.13 0.74 -13.18
N ALA A 128 -5.16 -0.12 -14.18
CA ALA A 128 -4.27 -1.27 -14.25
C ALA A 128 -3.38 -1.19 -15.48
N VAL A 129 -2.07 -1.25 -15.26
CA VAL A 129 -1.09 -1.30 -16.35
C VAL A 129 -0.52 -2.71 -16.38
N MET A 130 -0.75 -3.41 -17.48
CA MET A 130 -0.50 -4.85 -17.56
C MET A 130 0.50 -5.24 -18.64
N PRO A 131 1.16 -6.39 -18.47
CA PRO A 131 2.18 -6.84 -19.42
C PRO A 131 1.69 -7.91 -20.39
N TRP A 132 2.49 -8.16 -21.43
CA TRP A 132 2.09 -9.07 -22.50
C TRP A 132 2.26 -10.55 -22.16
N ASN A 133 2.93 -10.87 -21.05
CA ASN A 133 3.34 -12.28 -20.86
C ASN A 133 2.21 -13.22 -20.44
N PHE A 134 1.23 -12.68 -19.71
CA PHE A 134 0.01 -13.43 -19.40
C PHE A 134 -1.11 -12.46 -19.68
N PRO A 135 -1.41 -12.28 -20.98
CA PRO A 135 -2.27 -11.14 -21.37
C PRO A 135 -3.73 -11.27 -20.96
N PHE A 136 -4.18 -12.49 -20.62
CA PHE A 136 -5.52 -12.66 -20.05
C PHE A 136 -5.45 -12.76 -18.52
N TRP A 137 -4.63 -13.68 -18.03
CA TRP A 137 -4.57 -13.97 -16.60
C TRP A 137 -4.21 -12.76 -15.75
N GLN A 138 -3.23 -11.97 -16.15
CA GLN A 138 -2.86 -10.81 -15.36
C GLN A 138 -4.01 -9.84 -15.25
N VAL A 139 -4.78 -9.71 -16.33
CA VAL A 139 -5.93 -8.83 -16.33
C VAL A 139 -7.06 -9.35 -15.43
N PHE A 140 -7.44 -10.62 -15.60
CA PHE A 140 -8.53 -11.16 -14.81
C PHE A 140 -8.18 -11.27 -13.32
N ARG A 141 -6.91 -11.49 -13.02
CA ARG A 141 -6.43 -11.53 -11.64
C ARG A 141 -6.75 -10.24 -10.88
N PHE A 142 -6.61 -9.11 -11.57
CA PHE A 142 -6.94 -7.80 -11.02
C PHE A 142 -8.43 -7.50 -11.17
N ALA A 143 -8.98 -7.79 -12.34
CA ALA A 143 -10.34 -7.32 -12.64
C ALA A 143 -11.42 -8.04 -11.84
N ALA A 144 -11.27 -9.35 -11.64
CA ALA A 144 -12.29 -10.09 -10.88
C ALA A 144 -12.53 -9.51 -9.47
N PRO A 145 -11.47 -9.35 -8.65
CA PRO A 145 -11.76 -8.77 -7.34
C PRO A 145 -12.14 -7.29 -7.41
N ALA A 146 -11.54 -6.54 -8.33
CA ALA A 146 -11.89 -5.13 -8.50
C ALA A 146 -13.38 -4.97 -8.73
N LEU A 147 -13.90 -5.76 -9.67
CA LEU A 147 -15.31 -5.64 -10.05
C LEU A 147 -16.22 -6.22 -8.97
N MET A 148 -15.81 -7.29 -8.30
CA MET A 148 -16.64 -7.82 -7.23
C MET A 148 -16.77 -6.82 -6.08
N ALA A 149 -15.71 -6.04 -5.86
CA ALA A 149 -15.70 -5.04 -4.80
C ALA A 149 -16.50 -3.78 -5.12
N GLY A 150 -16.90 -3.61 -6.39
CA GLY A 150 -17.64 -2.43 -6.78
C GLY A 150 -16.82 -1.29 -7.36
N ASN A 151 -15.53 -1.51 -7.54
CA ASN A 151 -14.71 -0.57 -8.29
C ASN A 151 -15.02 -0.66 -9.77
N VAL A 152 -14.59 0.35 -10.52
CA VAL A 152 -14.53 0.23 -11.98
C VAL A 152 -13.07 0.30 -12.39
N ALA A 153 -12.75 -0.12 -13.61
CA ALA A 153 -11.35 -0.25 -14.00
C ALA A 153 -11.09 0.26 -15.40
N VAL A 154 -9.94 0.90 -15.57
CA VAL A 154 -9.41 1.18 -16.89
C VAL A 154 -8.10 0.43 -17.06
N LEU A 155 -7.97 -0.26 -18.18
CA LEU A 155 -6.81 -1.09 -18.47
C LEU A 155 -5.93 -0.45 -19.52
N LYS A 156 -4.66 -0.25 -19.20
CA LYS A 156 -3.64 0.03 -20.21
C LYS A 156 -2.82 -1.23 -20.34
N HIS A 157 -3.09 -1.99 -21.40
CA HIS A 157 -2.38 -3.22 -21.66
C HIS A 157 -1.11 -2.92 -22.45
N ALA A 158 -0.25 -3.93 -22.57
CA ALA A 158 0.96 -3.79 -23.35
C ALA A 158 0.61 -3.51 -24.81
N SER A 159 1.47 -2.75 -25.48
CA SER A 159 1.20 -2.28 -26.84
C SER A 159 1.20 -3.39 -27.87
N ASN A 160 1.77 -4.54 -27.52
CA ASN A 160 1.84 -5.68 -28.43
C ASN A 160 0.73 -6.71 -28.25
N VAL A 161 -0.20 -6.47 -27.32
CA VAL A 161 -1.36 -7.35 -27.19
C VAL A 161 -2.71 -6.63 -27.27
N PRO A 162 -2.88 -5.76 -28.30
CA PRO A 162 -4.15 -5.02 -28.40
C PRO A 162 -5.37 -5.93 -28.60
N GLN A 163 -5.23 -7.00 -29.36
CA GLN A 163 -6.37 -7.88 -29.55
C GLN A 163 -6.77 -8.59 -28.26
N CYS A 164 -5.78 -8.97 -27.45
CA CYS A 164 -6.09 -9.55 -26.14
C CYS A 164 -6.81 -8.52 -25.27
N ALA A 165 -6.30 -7.29 -25.27
CA ALA A 165 -6.88 -6.23 -24.47
C ALA A 165 -8.35 -5.97 -24.87
N LEU A 166 -8.61 -5.93 -26.17
CA LEU A 166 -9.97 -5.71 -26.65
C LEU A 166 -10.87 -6.90 -26.32
N ALA A 167 -10.31 -8.09 -26.39
CA ALA A 167 -11.08 -9.30 -26.09
C ALA A 167 -11.53 -9.35 -24.64
N VAL A 168 -10.67 -8.94 -23.71
CA VAL A 168 -11.06 -8.92 -22.31
C VAL A 168 -12.26 -7.99 -22.10
N GLU A 169 -12.22 -6.80 -22.69
CA GLU A 169 -13.35 -5.89 -22.57
C GLU A 169 -14.61 -6.52 -23.17
N ALA A 170 -14.47 -7.16 -24.33
CA ALA A 170 -15.60 -7.79 -25.00
C ALA A 170 -16.20 -8.93 -24.17
N ILE A 171 -15.36 -9.70 -23.49
CA ILE A 171 -15.87 -10.76 -22.63
C ILE A 171 -16.72 -10.16 -21.50
N LEU A 172 -16.22 -9.10 -20.89
CA LEU A 172 -16.92 -8.46 -19.78
C LEU A 172 -18.22 -7.77 -20.22
N GLU A 173 -18.24 -7.20 -21.43
CA GLU A 173 -19.48 -6.68 -21.98
C GLU A 173 -20.49 -7.80 -22.20
N ALA A 174 -20.04 -8.90 -22.81
CA ALA A 174 -20.95 -10.00 -23.12
C ALA A 174 -21.48 -10.63 -21.82
N ALA A 175 -20.68 -10.60 -20.78
CA ALA A 175 -21.07 -11.16 -19.49
C ALA A 175 -22.18 -10.35 -18.82
N GLY A 176 -22.29 -9.08 -19.17
CA GLY A 176 -23.34 -8.23 -18.65
C GLY A 176 -22.87 -7.04 -17.84
N PHE A 177 -21.56 -6.88 -17.64
CA PHE A 177 -21.10 -5.73 -16.86
C PHE A 177 -21.46 -4.42 -17.56
N PRO A 178 -22.06 -3.48 -16.82
CA PRO A 178 -22.50 -2.23 -17.47
C PRO A 178 -21.36 -1.45 -18.13
N GLU A 179 -21.72 -0.70 -19.16
CA GLU A 179 -20.78 0.13 -19.90
C GLU A 179 -20.03 1.08 -18.95
N GLY A 180 -18.72 1.14 -19.09
CA GLY A 180 -17.91 2.00 -18.25
C GLY A 180 -17.36 1.32 -17.00
N VAL A 181 -17.84 0.12 -16.71
CA VAL A 181 -17.32 -0.59 -15.55
C VAL A 181 -15.92 -1.14 -15.82
N PHE A 182 -15.67 -1.57 -17.06
CA PHE A 182 -14.33 -1.96 -17.48
C PHE A 182 -14.07 -1.39 -18.86
N GLN A 183 -12.95 -0.69 -19.03
CA GLN A 183 -12.61 -0.16 -20.34
C GLN A 183 -11.15 -0.38 -20.66
N THR A 184 -10.89 -0.95 -21.83
CA THR A 184 -9.55 -1.05 -22.38
C THR A 184 -9.16 0.25 -23.05
N LEU A 185 -8.01 0.78 -22.65
CA LEU A 185 -7.44 1.99 -23.25
C LEU A 185 -6.31 1.60 -24.16
N LEU A 186 -6.52 1.76 -25.47
CA LEU A 186 -5.44 1.52 -26.42
C LEU A 186 -4.53 2.75 -26.43
N ILE A 187 -3.58 2.79 -25.50
CA ILE A 187 -2.70 3.94 -25.32
C ILE A 187 -1.29 3.45 -25.04
N GLY A 188 -0.33 4.32 -25.33
CA GLY A 188 1.07 4.01 -25.09
C GLY A 188 1.52 4.38 -23.69
N ALA A 189 2.75 4.01 -23.37
CA ALA A 189 3.31 4.26 -22.06
C ALA A 189 3.33 5.75 -21.69
N SER A 190 3.58 6.62 -22.68
CA SER A 190 3.65 8.07 -22.43
C SER A 190 2.30 8.67 -22.05
N GLN A 191 1.23 7.91 -22.26
CA GLN A 191 -0.13 8.41 -22.05
C GLN A 191 -0.68 8.07 -20.68
N VAL A 192 0.06 7.26 -19.94
CA VAL A 192 -0.41 6.80 -18.64
C VAL A 192 -0.41 7.92 -17.59
N GLU A 193 0.54 8.84 -17.69
CA GLU A 193 0.62 9.94 -16.74
C GLU A 193 -0.71 10.73 -16.63
N GLN A 194 -1.34 11.01 -17.77
CA GLN A 194 -2.63 11.69 -17.76
C GLN A 194 -3.65 10.94 -16.91
N VAL A 195 -3.65 9.62 -17.03
CA VAL A 195 -4.60 8.80 -16.29
C VAL A 195 -4.32 8.86 -14.78
N ILE A 196 -3.06 8.67 -14.39
CA ILE A 196 -2.69 8.71 -12.97
C ILE A 196 -2.99 10.06 -12.36
N LYS A 197 -2.82 11.13 -13.14
CA LYS A 197 -3.04 12.48 -12.64
C LYS A 197 -4.50 12.92 -12.65
N ASP A 198 -5.37 12.13 -13.28
CA ASP A 198 -6.77 12.53 -13.36
C ASP A 198 -7.41 12.38 -11.99
N PRO A 199 -8.13 13.41 -11.52
CA PRO A 199 -8.66 13.37 -10.15
C PRO A 199 -9.66 12.23 -9.91
N ARG A 200 -10.27 11.72 -10.97
CA ARG A 200 -11.25 10.65 -10.82
C ARG A 200 -10.59 9.28 -10.63
N VAL A 201 -9.32 9.16 -11.01
CA VAL A 201 -8.61 7.89 -10.86
C VAL A 201 -8.06 7.81 -9.44
N LYS A 202 -8.40 6.76 -8.70
CA LYS A 202 -8.13 6.73 -7.26
C LYS A 202 -6.97 5.84 -6.82
N ALA A 203 -6.53 4.94 -7.69
CA ALA A 203 -5.51 3.97 -7.34
C ALA A 203 -4.97 3.35 -8.60
N ALA A 204 -3.81 2.70 -8.50
CA ALA A 204 -3.23 2.08 -9.68
C ALA A 204 -2.41 0.84 -9.36
N THR A 205 -2.41 -0.11 -10.28
CA THR A 205 -1.60 -1.31 -10.14
C THR A 205 -0.81 -1.51 -11.43
N LEU A 206 0.41 -2.01 -11.28
CA LEU A 206 1.23 -2.34 -12.45
C LEU A 206 1.94 -3.66 -12.24
N THR A 207 1.91 -4.50 -13.28
CA THR A 207 2.75 -5.69 -13.36
C THR A 207 3.64 -5.52 -14.59
N GLY A 208 4.94 -5.76 -14.45
CA GLY A 208 5.88 -5.53 -15.53
C GLY A 208 7.30 -5.29 -15.06
N SER A 209 8.02 -4.44 -15.76
CA SER A 209 9.44 -4.14 -15.47
C SER A 209 9.58 -3.12 -14.36
N GLU A 210 10.75 -3.11 -13.74
CA GLU A 210 11.01 -2.12 -12.71
C GLU A 210 10.91 -0.67 -13.18
N PRO A 211 11.48 -0.33 -14.36
CA PRO A 211 11.36 1.08 -14.76
C PRO A 211 9.90 1.53 -14.94
N ALA A 212 9.06 0.67 -15.49
CA ALA A 212 7.64 0.97 -15.62
C ALA A 212 7.01 1.15 -14.24
N GLY A 213 7.29 0.22 -13.33
CA GLY A 213 6.76 0.32 -11.98
C GLY A 213 7.19 1.59 -11.26
N ALA A 214 8.47 1.94 -11.39
CA ALA A 214 9.00 3.14 -10.75
C ALA A 214 8.33 4.41 -11.28
N SER A 215 8.07 4.44 -12.59
CA SER A 215 7.40 5.58 -13.20
C SER A 215 5.98 5.72 -12.67
N LEU A 216 5.23 4.62 -12.70
CA LEU A 216 3.84 4.67 -12.24
C LEU A 216 3.75 4.97 -10.74
N ALA A 217 4.59 4.32 -9.94
CA ALA A 217 4.48 4.49 -8.50
C ALA A 217 4.94 5.88 -8.03
N SER A 218 5.97 6.43 -8.68
CA SER A 218 6.41 7.77 -8.33
C SER A 218 5.33 8.80 -8.67
N LEU A 219 4.70 8.66 -9.83
CA LEU A 219 3.60 9.56 -10.21
C LEU A 219 2.40 9.42 -9.28
N ALA A 220 2.04 8.19 -8.96
CA ALA A 220 0.92 7.95 -8.06
C ALA A 220 1.21 8.50 -6.66
N GLY A 221 2.45 8.35 -6.19
CA GLY A 221 2.85 8.88 -4.90
C GLY A 221 2.69 10.39 -4.85
N GLN A 222 3.12 11.08 -5.90
CA GLN A 222 2.96 12.53 -5.98
C GLN A 222 1.48 12.93 -5.87
N GLU A 223 0.59 12.08 -6.38
CA GLU A 223 -0.84 12.34 -6.37
C GLU A 223 -1.57 11.77 -5.16
N ILE A 224 -0.82 11.24 -4.19
CA ILE A 224 -1.39 10.64 -2.97
C ILE A 224 -2.34 9.49 -3.31
N LYS A 225 -1.90 8.59 -4.19
CA LYS A 225 -2.73 7.47 -4.59
C LYS A 225 -2.04 6.14 -4.33
N PRO A 226 -2.76 5.18 -3.75
CA PRO A 226 -2.15 3.88 -3.43
C PRO A 226 -1.87 3.06 -4.67
N THR A 227 -0.85 2.21 -4.56
CA THR A 227 -0.45 1.32 -5.65
C THR A 227 -0.16 -0.09 -5.16
N LEU A 228 -0.08 -1.00 -6.11
CA LEU A 228 0.41 -2.35 -5.92
C LEU A 228 1.30 -2.61 -7.13
N LEU A 229 2.49 -3.14 -6.89
CA LEU A 229 3.46 -3.44 -7.95
C LEU A 229 3.89 -4.89 -7.88
N GLU A 230 3.87 -5.58 -9.01
CA GLU A 230 4.52 -6.87 -9.13
C GLU A 230 5.48 -6.80 -10.29
N LEU A 231 6.76 -6.80 -9.98
CA LEU A 231 7.76 -6.61 -10.98
C LEU A 231 8.44 -7.98 -11.22
N GLY A 232 9.63 -7.98 -11.77
CA GLY A 232 10.23 -9.27 -12.08
C GLY A 232 10.74 -10.03 -10.87
N GLY A 233 11.41 -11.14 -11.17
CA GLY A 233 12.12 -11.88 -10.16
C GLY A 233 13.31 -12.58 -10.76
N SER A 234 14.19 -13.09 -9.91
CA SER A 234 15.21 -14.01 -10.34
C SER A 234 15.18 -15.15 -9.35
N ASP A 235 14.07 -15.88 -9.36
CA ASP A 235 13.76 -16.81 -8.30
C ASP A 235 14.77 -17.96 -8.24
N PRO A 236 15.21 -18.31 -7.03
CA PRO A 236 16.08 -19.47 -6.86
C PRO A 236 15.28 -20.78 -6.90
N PHE A 237 15.94 -21.84 -7.37
CA PHE A 237 15.40 -23.19 -7.36
C PHE A 237 16.52 -24.01 -6.71
N VAL A 238 16.36 -24.27 -5.42
CA VAL A 238 17.41 -24.86 -4.61
C VAL A 238 17.18 -26.35 -4.45
N VAL A 239 18.20 -27.14 -4.75
CA VAL A 239 18.08 -28.60 -4.70
C VAL A 239 19.10 -29.20 -3.76
N PHE A 240 18.61 -29.88 -2.72
CA PHE A 240 19.47 -30.40 -1.66
C PHE A 240 19.51 -31.94 -1.68
N PRO A 241 20.45 -32.55 -0.91
CA PRO A 241 20.73 -33.97 -1.12
C PRO A 241 19.57 -34.96 -0.88
N SER A 242 18.59 -34.59 -0.07
CA SER A 242 17.48 -35.48 0.22
C SER A 242 16.32 -35.30 -0.76
N ALA A 243 16.51 -34.44 -1.76
CA ALA A 243 15.44 -34.17 -2.72
C ALA A 243 15.14 -35.38 -3.62
N ASP A 244 13.91 -35.44 -4.11
CA ASP A 244 13.57 -36.34 -5.21
C ASP A 244 14.15 -35.70 -6.46
N LEU A 245 15.34 -36.16 -6.86
CA LEU A 245 16.11 -35.51 -7.92
C LEU A 245 15.39 -35.53 -9.26
N ASP A 246 14.82 -36.66 -9.64
CA ASP A 246 14.15 -36.75 -10.93
C ASP A 246 12.93 -35.82 -10.99
N GLU A 247 12.17 -35.75 -9.90
CA GLU A 247 11.04 -34.82 -9.86
C GLU A 247 11.51 -33.38 -9.92
N ALA A 248 12.57 -33.06 -9.19
CA ALA A 248 13.14 -31.71 -9.19
C ALA A 248 13.59 -31.29 -10.59
N VAL A 249 14.19 -32.21 -11.34
CA VAL A 249 14.64 -31.91 -12.71
C VAL A 249 13.45 -31.64 -13.64
N GLU A 250 12.46 -32.52 -13.56
CA GLU A 250 11.27 -32.38 -14.40
C GLU A 250 10.53 -31.08 -14.09
N VAL A 251 10.28 -30.85 -12.81
CA VAL A 251 9.55 -29.66 -12.39
C VAL A 251 10.38 -28.40 -12.63
N GLY A 252 11.68 -28.45 -12.37
CA GLY A 252 12.55 -27.32 -12.62
C GLY A 252 12.59 -26.93 -14.09
N THR A 253 12.58 -27.93 -14.97
CA THR A 253 12.57 -27.67 -16.39
C THR A 253 11.29 -26.94 -16.79
N VAL A 254 10.15 -27.40 -16.29
CA VAL A 254 8.90 -26.68 -16.54
C VAL A 254 8.97 -25.26 -15.98
N ALA A 255 9.45 -25.13 -14.75
CA ALA A 255 9.50 -23.82 -14.09
C ALA A 255 10.36 -22.81 -14.88
N ARG A 256 11.48 -23.25 -15.44
CA ARG A 256 12.31 -22.33 -16.20
C ARG A 256 11.74 -22.06 -17.60
N THR A 257 11.15 -23.07 -18.22
CA THR A 257 10.84 -22.95 -19.64
C THR A 257 9.39 -22.67 -20.00
N MET A 258 8.47 -22.78 -19.04
CA MET A 258 7.06 -22.44 -19.25
C MET A 258 6.93 -21.01 -19.76
N ASN A 259 5.95 -20.77 -20.62
CA ASN A 259 5.71 -19.44 -21.18
C ASN A 259 6.94 -18.92 -21.90
N ASN A 260 7.67 -19.86 -22.52
CA ASN A 260 8.92 -19.56 -23.21
C ASN A 260 9.93 -18.83 -22.32
N GLY A 261 9.86 -19.14 -21.03
CA GLY A 261 10.75 -18.55 -20.04
C GLY A 261 10.28 -17.21 -19.48
N GLN A 262 9.22 -16.66 -20.06
CA GLN A 262 8.83 -15.29 -19.77
C GLN A 262 7.82 -15.21 -18.62
N SER A 263 8.29 -15.59 -17.44
CA SER A 263 7.48 -15.50 -16.23
C SER A 263 8.27 -14.91 -15.10
N CYS A 264 7.61 -14.03 -14.34
CA CYS A 264 8.16 -13.43 -13.15
C CYS A 264 8.62 -14.47 -12.12
N ILE A 265 7.93 -15.61 -12.09
CA ILE A 265 8.22 -16.70 -11.16
C ILE A 265 8.82 -17.93 -11.84
N ALA A 266 9.43 -17.75 -13.01
CA ALA A 266 10.27 -18.81 -13.57
C ALA A 266 11.36 -19.17 -12.57
N ALA A 267 11.76 -20.42 -12.56
CA ALA A 267 13.00 -20.80 -11.89
C ALA A 267 14.15 -20.25 -12.73
N LYS A 268 14.87 -19.26 -12.21
CA LYS A 268 15.90 -18.63 -13.00
C LYS A 268 17.33 -18.99 -12.59
N ARG A 269 17.52 -19.21 -11.29
CA ARG A 269 18.84 -19.55 -10.75
C ARG A 269 18.75 -20.88 -10.00
N PHE A 270 19.36 -21.91 -10.58
CA PHE A 270 19.39 -23.24 -9.98
C PHE A 270 20.58 -23.33 -9.05
N ILE A 271 20.30 -23.59 -7.78
CA ILE A 271 21.31 -23.61 -6.73
C ILE A 271 21.39 -25.03 -6.17
N LEU A 272 22.47 -25.72 -6.54
CA LEU A 272 22.57 -27.16 -6.34
C LEU A 272 23.57 -27.51 -5.26
N HIS A 273 23.14 -28.31 -4.28
CA HIS A 273 24.09 -28.84 -3.32
C HIS A 273 25.12 -29.71 -4.04
N GLU A 274 26.39 -29.52 -3.70
CA GLU A 274 27.49 -30.22 -4.38
C GLU A 274 27.33 -31.74 -4.41
N ALA A 275 26.67 -32.31 -3.41
CA ALA A 275 26.49 -33.76 -3.34
C ALA A 275 25.63 -34.31 -4.48
N ILE A 276 24.72 -33.48 -5.00
CA ILE A 276 23.82 -33.94 -6.05
C ILE A 276 23.98 -33.14 -7.34
N ALA A 277 24.89 -32.18 -7.34
CA ALA A 277 24.97 -31.22 -8.45
C ALA A 277 25.29 -31.85 -9.81
N ALA A 278 26.25 -32.78 -9.83
CA ALA A 278 26.62 -33.41 -11.10
C ALA A 278 25.45 -34.15 -11.73
N GLU A 279 24.75 -34.96 -10.94
CA GLU A 279 23.61 -35.72 -11.43
C GLU A 279 22.47 -34.80 -11.86
N PHE A 280 22.15 -33.82 -11.02
CA PHE A 280 21.07 -32.91 -11.33
C PHE A 280 21.37 -32.13 -12.62
N LEU A 281 22.58 -31.60 -12.73
CA LEU A 281 22.94 -30.78 -13.88
C LEU A 281 22.89 -31.59 -15.16
N GLU A 282 23.40 -32.81 -15.12
CA GLU A 282 23.36 -33.66 -16.30
C GLU A 282 21.92 -33.92 -16.73
N LYS A 283 21.06 -34.23 -15.76
CA LYS A 283 19.66 -34.50 -16.05
C LYS A 283 18.93 -33.25 -16.55
N LEU A 284 19.30 -32.07 -16.04
CA LEU A 284 18.70 -30.83 -16.50
C LEU A 284 19.12 -30.56 -17.94
N HIS A 285 20.40 -30.76 -18.22
CA HIS A 285 20.96 -30.65 -19.56
C HIS A 285 20.18 -31.52 -20.54
N LEU A 286 20.00 -32.78 -20.18
CA LEU A 286 19.26 -33.73 -21.01
C LEU A 286 17.81 -33.29 -21.24
N LYS A 287 17.15 -32.84 -20.18
CA LYS A 287 15.75 -32.43 -20.32
C LYS A 287 15.65 -31.21 -21.22
N PHE A 288 16.50 -30.22 -21.03
CA PHE A 288 16.46 -29.02 -21.87
C PHE A 288 16.76 -29.36 -23.32
N ALA A 289 17.69 -30.29 -23.54
CA ALA A 289 18.19 -30.60 -24.87
C ALA A 289 17.12 -31.17 -25.80
N SER A 290 16.09 -31.79 -25.22
CA SER A 290 15.07 -32.44 -26.03
C SER A 290 13.70 -31.73 -26.03
N LEU A 291 13.68 -30.49 -25.52
CA LEU A 291 12.48 -29.68 -25.61
C LEU A 291 12.21 -29.35 -27.08
N LYS A 292 10.94 -29.33 -27.47
CA LYS A 292 10.57 -29.08 -28.85
C LYS A 292 10.33 -27.59 -29.10
N ILE A 293 11.13 -27.02 -29.99
CA ILE A 293 11.02 -25.61 -30.36
C ILE A 293 10.31 -25.51 -31.70
N GLY A 294 9.33 -24.62 -31.80
CA GLY A 294 8.62 -24.48 -33.06
C GLY A 294 7.38 -23.62 -32.97
N ASP A 295 6.45 -23.88 -33.90
CA ASP A 295 5.21 -23.11 -34.02
C ASP A 295 4.39 -23.33 -32.75
N PRO A 296 4.11 -22.24 -32.02
CA PRO A 296 3.36 -22.40 -30.77
C PRO A 296 1.92 -22.86 -30.96
N MET A 297 1.38 -22.78 -32.19
CA MET A 297 0.05 -23.32 -32.43
C MET A 297 0.01 -24.83 -32.51
N ALA A 298 1.17 -25.46 -32.70
CA ALA A 298 1.24 -26.91 -32.77
C ALA A 298 1.22 -27.50 -31.36
N PRO A 299 0.36 -28.50 -31.12
CA PRO A 299 0.18 -29.04 -29.77
C PRO A 299 1.44 -29.68 -29.18
N GLU A 300 2.37 -30.10 -30.03
CA GLU A 300 3.59 -30.75 -29.57
C GLU A 300 4.71 -29.78 -29.18
N THR A 301 4.54 -28.51 -29.49
CA THR A 301 5.58 -27.52 -29.22
C THR A 301 5.73 -27.22 -27.73
N ASP A 302 6.97 -27.25 -27.24
CA ASP A 302 7.27 -26.82 -25.88
C ASP A 302 7.64 -25.35 -25.83
N ILE A 303 8.45 -24.92 -26.78
CA ILE A 303 9.03 -23.58 -26.79
C ILE A 303 8.67 -22.85 -28.07
N GLY A 304 7.87 -21.80 -27.95
CA GLY A 304 7.61 -20.91 -29.07
C GLY A 304 8.64 -19.79 -29.09
N PRO A 305 8.42 -18.78 -29.93
CA PRO A 305 9.34 -17.65 -30.00
C PRO A 305 9.18 -16.76 -28.77
N LEU A 306 10.20 -15.97 -28.44
CA LEU A 306 10.04 -14.90 -27.48
C LEU A 306 9.08 -13.86 -28.05
N ALA A 307 8.49 -13.04 -27.18
CA ALA A 307 7.34 -12.24 -27.61
C ALA A 307 7.68 -11.12 -28.58
N THR A 308 8.88 -10.54 -28.45
CA THR A 308 9.24 -9.39 -29.28
C THR A 308 10.71 -9.44 -29.68
N GLU A 309 11.06 -8.67 -30.70
CA GLU A 309 12.45 -8.55 -31.11
C GLU A 309 13.32 -7.98 -29.98
N GLY A 310 12.75 -7.06 -29.19
CA GLY A 310 13.46 -6.44 -28.10
C GLY A 310 13.84 -7.42 -26.99
N ILE A 311 12.90 -8.30 -26.63
CA ILE A 311 13.19 -9.34 -25.65
C ILE A 311 14.28 -10.28 -26.16
N LEU A 312 14.20 -10.64 -27.44
CA LEU A 312 15.22 -11.47 -28.06
C LEU A 312 16.59 -10.80 -28.03
N GLN A 313 16.63 -9.51 -28.39
CA GLN A 313 17.88 -8.75 -28.37
C GLN A 313 18.46 -8.66 -26.96
N ASP A 314 17.59 -8.44 -25.99
CA ASP A 314 18.01 -8.32 -24.60
C ASP A 314 18.68 -9.60 -24.09
N ILE A 315 18.01 -10.75 -24.23
CA ILE A 315 18.60 -11.98 -23.72
C ILE A 315 19.88 -12.34 -24.48
N SER A 316 19.90 -12.05 -25.77
CA SER A 316 21.07 -12.36 -26.59
C SER A 316 22.29 -11.62 -26.06
N ARG A 317 22.09 -10.33 -25.75
CA ARG A 317 23.16 -9.50 -25.22
C ARG A 317 23.56 -9.95 -23.82
N GLN A 318 22.57 -10.23 -22.96
CA GLN A 318 22.86 -10.66 -21.59
C GLN A 318 23.74 -11.92 -21.60
N VAL A 319 23.35 -12.89 -22.41
CA VAL A 319 24.11 -14.13 -22.50
C VAL A 319 25.49 -13.90 -23.13
N ASP A 320 25.54 -13.14 -24.22
CA ASP A 320 26.83 -12.85 -24.87
C ASP A 320 27.82 -12.21 -23.90
N GLN A 321 27.37 -11.24 -23.11
CA GLN A 321 28.25 -10.58 -22.15
C GLN A 321 28.71 -11.51 -21.02
N ALA A 322 27.82 -12.38 -20.55
CA ALA A 322 28.19 -13.32 -19.51
C ALA A 322 29.26 -14.28 -20.00
N VAL A 323 29.07 -14.77 -21.23
CA VAL A 323 30.02 -15.70 -21.83
C VAL A 323 31.38 -15.03 -22.07
N ALA A 324 31.36 -13.80 -22.54
CA ALA A 324 32.60 -13.03 -22.75
C ALA A 324 33.34 -12.82 -21.43
N ALA A 325 32.59 -12.73 -20.35
CA ALA A 325 33.18 -12.59 -19.01
C ALA A 325 33.76 -13.91 -18.48
N GLY A 326 33.35 -15.03 -19.09
CA GLY A 326 33.90 -16.31 -18.70
C GLY A 326 32.89 -17.39 -18.38
N ALA A 327 31.60 -17.05 -18.41
CA ALA A 327 30.57 -18.05 -18.18
C ALA A 327 30.64 -19.09 -19.28
N LYS A 328 30.27 -20.33 -18.94
CA LYS A 328 30.30 -21.43 -19.89
C LYS A 328 28.90 -21.78 -20.36
N ILE A 329 28.77 -22.06 -21.65
CA ILE A 329 27.52 -22.51 -22.24
C ILE A 329 27.47 -24.04 -22.25
N LEU A 330 26.56 -24.61 -21.49
CA LEU A 330 26.36 -26.05 -21.48
C LEU A 330 25.43 -26.46 -22.63
N LEU A 331 24.52 -25.55 -22.99
CA LEU A 331 23.52 -25.81 -24.00
C LEU A 331 23.00 -24.48 -24.53
N GLY A 332 22.75 -24.40 -25.84
CA GLY A 332 22.10 -23.23 -26.42
C GLY A 332 23.00 -22.02 -26.51
N GLY A 333 22.49 -20.85 -26.14
CA GLY A 333 23.33 -19.67 -26.01
C GLY A 333 23.42 -18.72 -27.19
N ARG A 334 22.59 -18.93 -28.21
CA ARG A 334 22.51 -17.96 -29.31
C ARG A 334 21.17 -18.09 -30.02
N PRO A 335 20.69 -16.98 -30.59
CA PRO A 335 19.37 -17.03 -31.25
C PRO A 335 19.36 -18.02 -32.42
N LEU A 336 18.21 -18.64 -32.67
CA LEU A 336 18.11 -19.62 -33.74
C LEU A 336 18.08 -18.91 -35.09
N ASP A 337 18.64 -19.58 -36.11
CA ASP A 337 18.64 -19.05 -37.46
C ASP A 337 17.36 -19.46 -38.16
N ARG A 338 16.27 -18.76 -37.85
CA ARG A 338 14.99 -19.01 -38.49
C ARG A 338 14.07 -17.81 -38.29
N ALA A 339 12.97 -17.78 -39.02
CA ALA A 339 11.99 -16.72 -38.90
C ALA A 339 11.39 -16.71 -37.50
N GLY A 340 11.08 -15.51 -37.01
CA GLY A 340 10.50 -15.36 -35.68
C GLY A 340 11.56 -15.17 -34.62
N TYR A 341 11.13 -14.75 -33.44
CA TYR A 341 12.06 -14.33 -32.39
C TYR A 341 12.49 -15.50 -31.51
N PHE A 342 13.06 -16.54 -32.12
CA PHE A 342 13.36 -17.77 -31.41
C PHE A 342 14.72 -17.74 -30.69
N TYR A 343 14.70 -18.15 -29.43
CA TYR A 343 15.91 -18.34 -28.63
C TYR A 343 15.80 -19.70 -27.93
N PRO A 344 16.85 -20.53 -28.02
CA PRO A 344 16.75 -21.91 -27.54
C PRO A 344 16.92 -22.02 -26.04
N PRO A 345 16.38 -23.09 -25.44
CA PRO A 345 16.72 -23.43 -24.05
C PRO A 345 18.23 -23.42 -23.87
N THR A 346 18.67 -22.78 -22.81
CA THR A 346 20.09 -22.49 -22.60
C THR A 346 20.43 -22.72 -21.14
N ILE A 347 21.63 -23.25 -20.90
CA ILE A 347 22.12 -23.43 -19.55
C ILE A 347 23.52 -22.82 -19.46
N LEU A 348 23.69 -21.93 -18.49
CA LEU A 348 24.98 -21.29 -18.23
C LEU A 348 25.54 -21.76 -16.88
N THR A 349 26.83 -22.08 -16.88
CA THR A 349 27.49 -22.54 -15.66
C THR A 349 28.77 -21.75 -15.45
N GLU A 350 29.36 -21.91 -14.26
CA GLU A 350 30.65 -21.30 -13.94
C GLU A 350 30.65 -19.81 -14.20
N ILE A 351 29.59 -19.15 -13.78
CA ILE A 351 29.46 -17.71 -13.97
C ILE A 351 30.38 -16.98 -13.00
N PRO A 352 31.28 -16.14 -13.53
CA PRO A 352 32.26 -15.46 -12.66
C PRO A 352 31.59 -14.54 -11.65
N PRO A 353 32.13 -14.50 -10.42
CA PRO A 353 31.66 -13.55 -9.39
C PRO A 353 31.73 -12.13 -9.92
N GLY A 354 30.71 -11.33 -9.64
CA GLY A 354 30.70 -9.95 -10.10
C GLY A 354 30.18 -9.78 -11.51
N ALA A 355 29.92 -10.90 -12.19
CA ALA A 355 29.27 -10.82 -13.49
C ALA A 355 27.91 -10.18 -13.32
N LYS A 356 27.63 -9.21 -14.17
CA LYS A 356 26.41 -8.41 -14.16
C LYS A 356 25.14 -9.25 -14.25
N ILE A 357 25.21 -10.34 -15.01
CA ILE A 357 24.05 -11.19 -15.26
C ILE A 357 23.48 -11.79 -13.97
N LEU A 358 24.35 -11.95 -12.97
CA LEU A 358 23.95 -12.51 -11.68
C LEU A 358 22.85 -11.70 -11.00
N GLN A 359 22.75 -10.42 -11.40
CA GLN A 359 21.82 -9.50 -10.76
C GLN A 359 20.64 -9.13 -11.66
N GLU A 360 20.55 -9.78 -12.82
CA GLU A 360 19.54 -9.42 -13.81
C GLU A 360 18.47 -10.49 -13.95
N GLU A 361 17.32 -10.10 -14.48
CA GLU A 361 16.26 -11.05 -14.78
C GLU A 361 16.40 -11.58 -16.20
N LEU A 362 16.47 -12.90 -16.33
CA LEU A 362 16.58 -13.54 -17.64
C LEU A 362 15.18 -13.99 -18.08
N PHE A 363 14.59 -13.23 -18.99
CA PHE A 363 13.20 -13.41 -19.38
C PHE A 363 13.15 -14.19 -20.67
N ALA A 364 13.54 -15.46 -20.58
CA ALA A 364 13.78 -16.33 -21.71
C ALA A 364 14.19 -17.66 -21.09
N PRO A 365 14.24 -18.75 -21.87
CA PRO A 365 14.46 -20.06 -21.24
C PRO A 365 15.94 -20.34 -20.98
N VAL A 366 16.55 -19.49 -20.14
CA VAL A 366 17.98 -19.52 -19.89
C VAL A 366 18.25 -19.71 -18.40
N ALA A 367 18.75 -20.88 -18.05
CA ALA A 367 19.03 -21.22 -16.65
C ALA A 367 20.45 -20.88 -16.27
N MET A 368 20.63 -20.17 -15.15
CA MET A 368 21.93 -20.02 -14.52
C MET A 368 22.06 -21.11 -13.46
N VAL A 369 23.22 -21.76 -13.40
CA VAL A 369 23.43 -22.87 -12.45
C VAL A 369 24.59 -22.58 -11.53
N PHE A 370 24.41 -22.90 -10.25
CA PHE A 370 25.40 -22.67 -9.21
C PHE A 370 25.53 -23.90 -8.34
N THR A 371 26.71 -24.08 -7.75
CA THR A 371 26.92 -25.14 -6.77
C THR A 371 27.22 -24.54 -5.40
N VAL A 372 26.63 -25.12 -4.35
CA VAL A 372 26.88 -24.68 -2.98
C VAL A 372 27.19 -25.88 -2.08
N LYS A 373 27.76 -25.61 -0.92
CA LYS A 373 28.25 -26.69 -0.06
C LYS A 373 27.39 -26.98 1.16
N ASP A 374 26.54 -26.03 1.54
CA ASP A 374 25.69 -26.23 2.71
C ASP A 374 24.49 -25.29 2.69
N LEU A 375 23.66 -25.42 3.71
CA LEU A 375 22.42 -24.64 3.84
C LEU A 375 22.66 -23.13 3.91
N ASP A 376 23.61 -22.70 4.75
CA ASP A 376 23.90 -21.28 4.88
C ASP A 376 24.31 -20.66 3.54
N GLN A 377 25.16 -21.36 2.80
CA GLN A 377 25.61 -20.87 1.49
C GLN A 377 24.47 -20.79 0.48
N ALA A 378 23.59 -21.78 0.51
CA ALA A 378 22.44 -21.79 -0.39
C ALA A 378 21.53 -20.59 -0.14
N ILE A 379 21.25 -20.33 1.12
CA ILE A 379 20.36 -19.21 1.47
C ILE A 379 20.99 -17.87 1.10
N ALA A 380 22.27 -17.71 1.40
CA ALA A 380 22.95 -16.47 1.05
C ALA A 380 22.94 -16.21 -0.44
N LEU A 381 23.23 -17.23 -1.24
CA LEU A 381 23.23 -17.06 -2.69
C LEU A 381 21.82 -16.80 -3.21
N ALA A 382 20.86 -17.57 -2.71
CA ALA A 382 19.46 -17.39 -3.11
C ALA A 382 18.98 -15.96 -2.90
N ASN A 383 19.40 -15.33 -1.81
CA ASN A 383 18.97 -13.98 -1.47
C ASN A 383 19.84 -12.87 -2.06
N ASP A 384 20.95 -13.23 -2.69
CA ASP A 384 21.92 -12.25 -3.20
C ASP A 384 21.50 -11.66 -4.54
N ILE A 385 20.31 -11.04 -4.55
CA ILE A 385 19.72 -10.43 -5.74
C ILE A 385 18.88 -9.24 -5.30
N PRO A 386 18.57 -8.32 -6.23
CA PRO A 386 17.73 -7.18 -5.84
C PRO A 386 16.26 -7.57 -5.74
N PHE A 387 15.91 -8.68 -6.38
CA PHE A 387 14.52 -9.14 -6.44
C PHE A 387 14.17 -9.99 -5.24
N GLY A 388 12.90 -10.33 -5.10
CA GLY A 388 12.45 -11.16 -4.01
C GLY A 388 11.02 -11.60 -4.22
N LEU A 389 10.77 -12.26 -5.35
CA LEU A 389 9.41 -12.65 -5.68
C LEU A 389 9.07 -14.05 -5.16
N GLY A 390 9.57 -15.08 -5.83
CA GLY A 390 9.35 -16.45 -5.38
C GLY A 390 10.64 -17.19 -5.09
N ALA A 391 10.49 -18.39 -4.52
CA ALA A 391 11.64 -19.25 -4.25
C ALA A 391 11.14 -20.67 -4.11
N SER A 392 11.91 -21.62 -4.64
CA SER A 392 11.56 -23.03 -4.56
C SER A 392 12.74 -23.79 -3.96
N ALA A 393 12.47 -24.70 -3.04
CA ALA A 393 13.54 -25.48 -2.42
C ALA A 393 13.12 -26.94 -2.28
N TRP A 394 14.07 -27.84 -2.53
CA TRP A 394 13.80 -29.27 -2.61
C TRP A 394 14.65 -30.00 -1.57
N THR A 395 13.95 -30.55 -0.59
CA THR A 395 14.56 -31.26 0.53
C THR A 395 13.47 -31.98 1.28
N ASN A 396 13.83 -33.12 1.87
CA ASN A 396 12.90 -33.86 2.69
C ASN A 396 13.33 -33.92 4.15
N ASP A 397 14.28 -33.07 4.49
CA ASP A 397 14.66 -32.88 5.88
C ASP A 397 13.83 -31.76 6.50
N PRO A 398 13.05 -32.07 7.54
CA PRO A 398 12.16 -31.05 8.12
C PRO A 398 12.90 -29.79 8.59
N ALA A 399 14.06 -29.95 9.22
CA ALA A 399 14.82 -28.80 9.68
C ALA A 399 15.26 -27.89 8.53
N GLU A 400 15.71 -28.50 7.43
CA GLU A 400 16.06 -27.73 6.24
C GLU A 400 14.84 -27.02 5.66
N GLN A 401 13.73 -27.74 5.56
CA GLN A 401 12.50 -27.16 5.06
C GLN A 401 12.13 -25.90 5.83
N GLN A 402 12.21 -25.96 7.15
CA GLN A 402 11.83 -24.82 7.98
C GLN A 402 12.79 -23.65 7.80
N ARG A 403 14.08 -23.93 7.70
CA ARG A 403 15.05 -22.87 7.47
C ARG A 403 14.84 -22.16 6.11
N PHE A 404 14.60 -22.94 5.06
CA PHE A 404 14.28 -22.37 3.76
C PHE A 404 13.01 -21.50 3.83
N ILE A 405 11.95 -22.02 4.43
CA ILE A 405 10.72 -21.25 4.59
C ILE A 405 10.96 -19.95 5.33
N GLN A 406 11.73 -20.02 6.42
CA GLN A 406 11.95 -18.85 7.25
C GLN A 406 12.89 -17.83 6.62
N GLU A 407 13.95 -18.30 5.95
CA GLU A 407 15.06 -17.42 5.61
C GLU A 407 15.20 -17.00 4.15
N LEU A 408 14.47 -17.66 3.24
CA LEU A 408 14.48 -17.19 1.86
C LEU A 408 13.69 -15.89 1.76
N ASP A 409 14.35 -14.87 1.21
CA ASP A 409 13.78 -13.52 1.15
C ASP A 409 12.91 -13.37 -0.09
N ALA A 410 11.67 -13.82 0.03
CA ALA A 410 10.76 -13.86 -1.10
C ALA A 410 9.33 -13.75 -0.59
N GLY A 411 8.43 -13.33 -1.45
CA GLY A 411 7.01 -13.30 -1.13
C GLY A 411 6.36 -14.68 -1.12
N ALA A 412 7.01 -15.67 -1.73
CA ALA A 412 6.46 -17.02 -1.76
C ALA A 412 7.57 -18.03 -1.69
N VAL A 413 7.40 -19.04 -0.83
CA VAL A 413 8.36 -20.13 -0.73
C VAL A 413 7.65 -21.46 -0.90
N PHE A 414 8.05 -22.21 -1.93
CA PHE A 414 7.47 -23.51 -2.23
C PHE A 414 8.51 -24.58 -1.93
N ILE A 415 8.09 -25.59 -1.16
CA ILE A 415 8.95 -26.71 -0.80
C ILE A 415 8.51 -27.95 -1.58
N ASN A 416 9.44 -28.49 -2.36
CA ASN A 416 9.19 -29.68 -3.17
C ASN A 416 8.12 -29.47 -4.23
N GLY A 417 8.05 -28.26 -4.73
CA GLY A 417 7.20 -27.95 -5.88
C GLY A 417 7.64 -26.63 -6.48
N MET A 418 7.20 -26.37 -7.71
CA MET A 418 7.49 -25.10 -8.35
C MET A 418 6.53 -24.02 -7.86
N VAL A 419 7.02 -22.79 -7.80
CA VAL A 419 6.18 -21.67 -7.43
C VAL A 419 5.09 -21.49 -8.47
N LYS A 420 3.86 -21.33 -8.01
CA LYS A 420 2.71 -21.06 -8.87
C LYS A 420 1.81 -20.07 -8.16
N SER A 421 1.14 -19.22 -8.92
CA SER A 421 0.07 -18.42 -8.36
C SER A 421 -1.21 -19.25 -8.36
N ASP A 422 -2.08 -18.99 -7.38
CA ASP A 422 -3.30 -19.76 -7.15
C ASP A 422 -4.29 -18.79 -6.54
N PRO A 423 -5.52 -18.67 -7.11
CA PRO A 423 -6.48 -17.71 -6.57
C PRO A 423 -6.72 -17.85 -5.06
N ARG A 424 -6.51 -19.04 -4.52
CA ARG A 424 -6.80 -19.29 -3.11
C ARG A 424 -5.77 -18.69 -2.14
N LEU A 425 -4.62 -18.27 -2.64
CA LEU A 425 -3.51 -17.82 -1.82
C LEU A 425 -2.99 -16.47 -2.31
N PRO A 426 -2.69 -15.54 -1.39
CA PRO A 426 -2.16 -14.27 -1.86
C PRO A 426 -0.83 -14.43 -2.61
N PHE A 427 -0.54 -13.45 -3.47
CA PHE A 427 0.60 -13.51 -4.37
C PHE A 427 1.22 -12.13 -4.55
N GLY A 428 2.51 -12.02 -4.31
CA GLY A 428 3.21 -10.77 -4.55
C GLY A 428 4.65 -10.82 -4.11
N GLY A 429 5.37 -9.73 -4.38
CA GLY A 429 6.79 -9.67 -4.15
C GLY A 429 7.25 -8.89 -2.95
N THR A 430 8.56 -8.92 -2.74
CA THR A 430 9.25 -8.10 -1.77
C THR A 430 10.47 -7.52 -2.45
N LYS A 431 11.20 -6.66 -1.74
CA LYS A 431 12.40 -6.04 -2.30
C LYS A 431 12.06 -5.35 -3.62
N ARG A 432 12.90 -5.47 -4.64
CA ARG A 432 12.63 -4.76 -5.89
C ARG A 432 11.58 -5.47 -6.76
N SER A 433 11.08 -6.60 -6.29
CA SER A 433 9.97 -7.27 -6.98
C SER A 433 8.61 -6.64 -6.71
N GLY A 434 8.56 -5.67 -5.79
CA GLY A 434 7.32 -4.95 -5.54
C GLY A 434 6.77 -5.11 -4.14
N TYR A 435 5.48 -4.85 -4.02
CA TYR A 435 4.80 -4.83 -2.74
C TYR A 435 3.30 -4.94 -2.99
N GLY A 436 2.58 -5.31 -1.94
CA GLY A 436 1.16 -5.55 -2.07
C GLY A 436 0.91 -6.99 -2.50
N ARG A 437 -0.32 -7.45 -2.30
CA ARG A 437 -0.68 -8.82 -2.61
C ARG A 437 -1.96 -8.89 -3.43
N GLU A 438 -1.92 -9.69 -4.50
CA GLU A 438 -3.12 -10.01 -5.27
C GLU A 438 -3.58 -11.39 -4.83
N LEU A 439 -4.79 -11.77 -5.22
CA LEU A 439 -5.36 -13.09 -4.94
C LEU A 439 -5.70 -13.32 -3.46
N GLY A 440 -6.37 -14.42 -3.18
CA GLY A 440 -6.85 -14.68 -1.83
C GLY A 440 -7.71 -13.54 -1.29
N LEU A 441 -7.76 -13.42 0.03
CA LEU A 441 -8.46 -12.31 0.66
C LEU A 441 -7.82 -10.99 0.27
N ALA A 442 -6.48 -10.97 0.25
CA ALA A 442 -5.72 -9.74 0.02
C ALA A 442 -6.13 -9.05 -1.27
N GLY A 443 -6.35 -9.82 -2.32
CA GLY A 443 -6.66 -9.27 -3.63
C GLY A 443 -7.89 -8.39 -3.65
N ILE A 444 -8.88 -8.71 -2.83
CA ILE A 444 -10.09 -7.91 -2.82
C ILE A 444 -10.07 -6.83 -1.74
N ARG A 445 -9.11 -6.91 -0.83
CA ARG A 445 -8.96 -5.88 0.21
C ARG A 445 -8.03 -4.74 -0.17
N THR A 446 -7.26 -4.90 -1.24
CA THR A 446 -6.22 -3.93 -1.56
C THR A 446 -6.75 -2.53 -1.93
N PHE A 447 -7.71 -2.49 -2.83
CA PHE A 447 -8.22 -1.21 -3.32
C PHE A 447 -9.66 -0.95 -2.88
N VAL A 448 -9.87 -1.05 -1.58
CA VAL A 448 -11.14 -0.65 -0.98
C VAL A 448 -10.85 0.31 0.15
N ASN A 449 -11.84 1.13 0.46
CA ASN A 449 -11.87 1.93 1.66
C ASN A 449 -12.32 1.02 2.80
N ALA A 450 -11.41 0.70 3.71
CA ALA A 450 -11.76 0.04 4.97
C ALA A 450 -12.25 1.16 5.88
N LYS A 451 -13.56 1.29 5.97
CA LYS A 451 -14.21 2.39 6.67
C LYS A 451 -14.57 1.96 8.08
N THR A 452 -13.98 2.61 9.09
CA THR A 452 -14.34 2.35 10.48
C THR A 452 -15.64 3.07 10.83
N VAL A 453 -16.57 2.32 11.41
CA VAL A 453 -17.87 2.87 11.80
C VAL A 453 -18.04 2.72 13.30
N TRP A 454 -18.49 3.81 13.94
CA TRP A 454 -18.72 3.81 15.38
C TRP A 454 -20.07 4.47 15.61
N LEU A 455 -20.97 3.73 16.26
CA LEU A 455 -22.33 4.20 16.50
C LEU A 455 -22.58 4.19 18.00
N LYS A 456 -22.89 5.35 18.58
CA LYS A 456 -23.08 5.47 20.02
C LYS A 456 -24.14 4.51 20.53
N ALA B 4 14.97 25.44 11.59
CA ALA B 4 16.06 24.78 12.32
C ALA B 4 15.51 23.77 13.32
N ILE B 5 16.37 22.89 13.80
CA ILE B 5 15.95 21.93 14.82
C ILE B 5 16.15 22.59 16.17
N ALA B 6 15.05 22.85 16.87
CA ALA B 6 15.12 23.65 18.08
C ALA B 6 13.83 23.52 18.88
N THR B 7 13.98 23.63 20.19
CA THR B 7 12.83 23.87 21.08
C THR B 7 12.60 25.37 21.16
N ILE B 8 11.47 25.81 20.61
CA ILE B 8 11.02 27.19 20.76
C ILE B 8 9.65 27.15 21.38
N ASN B 9 9.54 27.66 22.60
CA ASN B 9 8.31 27.56 23.38
C ASN B 9 7.24 28.45 22.76
N PRO B 10 6.13 27.86 22.26
CA PRO B 10 5.14 28.66 21.55
C PRO B 10 4.31 29.55 22.47
N THR B 11 4.39 29.34 23.77
CA THR B 11 3.67 30.18 24.73
C THR B 11 4.37 31.53 24.91
N THR B 12 5.69 31.53 24.79
CA THR B 12 6.48 32.73 25.05
C THR B 12 7.26 33.21 23.84
N GLY B 13 7.47 32.32 22.87
CA GLY B 13 8.30 32.61 21.72
C GLY B 13 9.79 32.43 22.00
N GLU B 14 10.14 32.00 23.21
CA GLU B 14 11.54 31.86 23.61
C GLU B 14 12.23 30.67 22.95
N ILE B 15 13.41 30.89 22.39
CA ILE B 15 14.25 29.79 21.94
C ILE B 15 14.90 29.16 23.16
N CYS B 16 14.61 27.89 23.41
CA CYS B 16 15.07 27.21 24.62
C CYS B 16 16.33 26.37 24.40
N GLN B 17 16.39 25.67 23.27
CA GLN B 17 17.52 24.79 23.00
C GLN B 17 17.63 24.54 21.50
N ARG B 18 18.86 24.57 21.00
CA ARG B 18 19.11 24.27 19.60
C ARG B 18 19.85 22.94 19.50
N PHE B 19 19.63 22.24 18.39
CA PHE B 19 20.24 20.94 18.16
C PHE B 19 20.92 20.94 16.81
N LYS B 20 22.06 20.27 16.73
CA LYS B 20 22.77 20.11 15.48
C LYS B 20 22.12 18.98 14.69
N ALA B 21 21.87 19.21 13.40
CA ALA B 21 21.36 18.17 12.53
C ALA B 21 22.47 17.15 12.26
N LEU B 22 22.09 15.90 12.10
CA LEU B 22 23.03 14.87 11.66
C LEU B 22 23.56 15.20 10.26
N THR B 23 24.79 14.79 10.00
CA THR B 23 25.33 14.85 8.63
C THR B 23 24.92 13.59 7.88
N PRO B 24 25.02 13.61 6.54
CA PRO B 24 24.78 12.40 5.76
C PRO B 24 25.61 11.20 6.22
N ALA B 25 26.87 11.43 6.60
CA ALA B 25 27.67 10.31 7.10
C ALA B 25 27.10 9.75 8.39
N GLU B 26 26.62 10.63 9.26
CA GLU B 26 26.01 10.20 10.52
C GLU B 26 24.70 9.45 10.28
N ILE B 27 23.92 9.89 9.31
CA ILE B 27 22.70 9.18 8.93
C ILE B 27 23.06 7.79 8.43
N ASP B 28 24.07 7.72 7.56
CA ASP B 28 24.51 6.45 7.02
C ASP B 28 24.92 5.48 8.13
N ALA B 29 25.64 5.98 9.13
CA ALA B 29 26.06 5.13 10.25
C ALA B 29 24.86 4.62 11.04
N LYS B 30 23.84 5.45 11.22
CA LYS B 30 22.64 5.00 11.91
C LYS B 30 21.92 3.93 11.11
N LEU B 31 21.88 4.05 9.79
CA LEU B 31 21.24 3.04 8.95
C LEU B 31 22.02 1.73 8.96
N ALA B 32 23.35 1.81 8.98
CA ALA B 32 24.17 0.60 9.08
C ALA B 32 23.90 -0.10 10.41
N LYS B 33 23.78 0.68 11.49
CA LYS B 33 23.50 0.09 12.79
C LYS B 33 22.09 -0.52 12.83
N ALA B 34 21.13 0.16 12.22
CA ALA B 34 19.76 -0.38 12.14
C ALA B 34 19.73 -1.71 11.41
N GLN B 35 20.49 -1.84 10.33
CA GLN B 35 20.53 -3.08 9.57
C GLN B 35 21.11 -4.22 10.39
N GLU B 36 22.22 -3.95 11.08
CA GLU B 36 22.82 -4.95 11.97
C GLU B 36 21.84 -5.32 13.09
N ALA B 37 21.21 -4.32 13.69
CA ALA B 37 20.23 -4.59 14.74
C ALA B 37 19.07 -5.44 14.22
N PHE B 38 18.59 -5.14 13.02
CA PHE B 38 17.49 -5.91 12.43
C PHE B 38 17.83 -7.39 12.28
N GLN B 39 19.06 -7.69 11.88
CA GLN B 39 19.43 -9.07 11.65
C GLN B 39 19.31 -9.91 12.92
N ALA B 40 19.59 -9.29 14.06
CA ALA B 40 19.41 -9.97 15.34
C ALA B 40 17.97 -9.86 15.85
N TYR B 41 17.36 -8.69 15.67
CA TYR B 41 16.04 -8.45 16.24
C TYR B 41 14.96 -9.29 15.58
N ARG B 42 15.08 -9.55 14.29
CA ARG B 42 14.10 -10.37 13.59
C ARG B 42 14.06 -11.80 14.17
N ARG B 43 15.11 -12.18 14.90
CA ARG B 43 15.19 -13.52 15.50
C ARG B 43 14.70 -13.56 16.94
N THR B 44 14.38 -12.40 17.51
CA THR B 44 13.85 -12.39 18.88
C THR B 44 12.47 -13.04 18.94
N SER B 45 12.14 -13.54 20.11
CA SER B 45 10.82 -14.12 20.32
C SER B 45 9.79 -13.04 20.56
N PHE B 46 8.53 -13.35 20.27
CA PHE B 46 7.46 -12.46 20.67
C PHE B 46 7.46 -12.17 22.16
N SER B 47 7.89 -13.13 22.99
CA SER B 47 7.93 -12.86 24.43
C SER B 47 8.87 -11.73 24.81
N GLN B 48 10.03 -11.66 24.17
CA GLN B 48 10.96 -10.56 24.41
C GLN B 48 10.37 -9.24 23.93
N ARG B 49 9.83 -9.22 22.72
CA ARG B 49 9.26 -8.00 22.17
C ARG B 49 8.12 -7.50 23.04
N ARG B 50 7.28 -8.44 23.50
CA ARG B 50 6.16 -8.13 24.36
C ARG B 50 6.63 -7.54 25.70
N GLN B 51 7.65 -8.14 26.29
CA GLN B 51 8.24 -7.62 27.52
C GLN B 51 8.70 -6.18 27.36
N TRP B 52 9.44 -5.92 26.28
CA TRP B 52 9.97 -4.57 26.07
C TRP B 52 8.84 -3.57 25.79
N LEU B 53 7.83 -3.98 25.03
CA LEU B 53 6.69 -3.09 24.78
C LEU B 53 5.91 -2.78 26.05
N GLU B 54 5.69 -3.81 26.88
CA GLU B 54 5.00 -3.60 28.15
C GLU B 54 5.83 -2.73 29.10
N ASN B 55 7.15 -2.90 29.07
CA ASN B 55 8.02 -2.01 29.84
C ASN B 55 7.88 -0.55 29.40
N ALA B 56 7.83 -0.33 28.09
CA ALA B 56 7.64 1.02 27.55
C ALA B 56 6.31 1.61 28.02
N ALA B 57 5.26 0.80 27.99
CA ALA B 57 3.96 1.24 28.50
C ALA B 57 4.05 1.66 29.96
N ALA B 58 4.74 0.84 30.76
CA ALA B 58 4.86 1.14 32.19
C ALA B 58 5.64 2.43 32.44
N ILE B 59 6.66 2.70 31.62
CA ILE B 59 7.41 3.96 31.70
C ILE B 59 6.50 5.14 31.39
N LEU B 60 5.74 5.04 30.30
CA LEU B 60 4.79 6.07 29.93
C LEU B 60 3.73 6.29 31.01
N GLU B 61 3.29 5.20 31.65
CA GLU B 61 2.26 5.28 32.69
C GLU B 61 2.78 5.87 33.99
N ARG B 62 4.06 5.71 34.27
CA ARG B 62 4.63 6.25 35.50
C ARG B 62 5.01 7.72 35.39
N ASP B 63 5.68 8.07 34.30
CA ASP B 63 6.25 9.42 34.16
C ASP B 63 5.42 10.29 33.21
N THR B 64 4.12 10.02 33.19
CA THR B 64 3.16 10.70 32.33
C THR B 64 3.24 12.23 32.38
N SER B 65 3.29 12.79 33.59
CA SER B 65 3.32 14.24 33.74
C SER B 65 4.60 14.86 33.21
N LYS B 66 5.73 14.19 33.43
CA LYS B 66 7.00 14.66 32.91
C LYS B 66 7.01 14.67 31.38
N PHE B 67 6.55 13.59 30.77
CA PHE B 67 6.51 13.53 29.31
C PHE B 67 5.56 14.58 28.75
N ALA B 68 4.42 14.74 29.41
CA ALA B 68 3.46 15.76 29.03
C ALA B 68 4.07 17.16 29.06
N GLU B 69 4.91 17.44 30.05
CA GLU B 69 5.54 18.75 30.15
C GLU B 69 6.45 19.01 28.95
N ILE B 70 7.15 17.98 28.49
CA ILE B 70 8.00 18.14 27.31
C ILE B 70 7.15 18.52 26.10
N MET B 71 6.04 17.80 25.89
CA MET B 71 5.15 18.07 24.77
C MET B 71 4.62 19.50 24.84
N THR B 72 4.10 19.90 26.00
CA THR B 72 3.55 21.23 26.18
C THR B 72 4.58 22.32 25.94
N THR B 73 5.78 22.13 26.49
CA THR B 73 6.85 23.10 26.32
C THR B 73 7.21 23.29 24.86
N GLU B 74 7.32 22.18 24.13
CA GLU B 74 7.77 22.26 22.74
C GLU B 74 6.71 22.72 21.76
N MET B 75 5.46 22.28 21.94
CA MET B 75 4.45 22.50 20.92
C MET B 75 3.11 23.03 21.38
N GLY B 76 2.97 23.31 22.69
CA GLY B 76 1.88 24.14 23.17
C GLY B 76 0.53 23.50 23.48
N LYS B 77 0.38 22.19 23.29
CA LYS B 77 -0.90 21.56 23.68
C LYS B 77 -1.03 21.59 25.20
N THR B 78 -2.26 21.57 25.70
CA THR B 78 -2.44 21.67 27.14
C THR B 78 -1.76 20.49 27.83
N HIS B 79 -1.25 20.74 29.03
CA HIS B 79 -0.57 19.69 29.78
C HIS B 79 -1.54 18.53 30.05
N GLN B 80 -2.80 18.85 30.33
CA GLN B 80 -3.79 17.81 30.57
C GLN B 80 -4.00 16.92 29.34
N SER B 81 -4.07 17.52 28.16
CA SER B 81 -4.24 16.73 26.94
C SER B 81 -2.96 15.98 26.59
N ALA B 82 -1.81 16.52 26.99
CA ALA B 82 -0.55 15.83 26.80
C ALA B 82 -0.43 14.62 27.73
N ILE B 83 -0.97 14.72 28.94
CA ILE B 83 -1.07 13.56 29.82
C ILE B 83 -1.90 12.47 29.15
N ALA B 84 -3.05 12.84 28.60
CA ALA B 84 -3.89 11.89 27.90
C ALA B 84 -3.15 11.26 26.73
N GLU B 85 -2.34 12.06 26.04
CA GLU B 85 -1.57 11.57 24.90
C GLU B 85 -0.53 10.52 25.32
N ALA B 86 0.14 10.76 26.45
CA ALA B 86 1.09 9.79 26.96
C ALA B 86 0.37 8.50 27.37
N GLU B 87 -0.81 8.64 27.96
CA GLU B 87 -1.58 7.46 28.35
C GLU B 87 -2.01 6.67 27.12
N LYS B 88 -2.42 7.37 26.06
CA LYS B 88 -2.87 6.69 24.85
C LYS B 88 -1.69 5.99 24.17
N SER B 89 -0.50 6.59 24.27
CA SER B 89 0.72 5.96 23.78
C SER B 89 0.99 4.65 24.51
N ALA B 90 0.79 4.64 25.83
CA ALA B 90 0.97 3.41 26.59
C ALA B 90 -0.05 2.37 26.14
N LEU B 91 -1.28 2.83 25.90
CA LEU B 91 -2.36 1.93 25.49
C LEU B 91 -2.03 1.18 24.19
N VAL B 92 -1.48 1.88 23.20
CA VAL B 92 -1.19 1.20 21.94
C VAL B 92 -0.01 0.23 22.08
N CYS B 93 0.94 0.56 22.96
CA CYS B 93 2.00 -0.39 23.30
C CYS B 93 1.40 -1.67 23.89
N ARG B 94 0.50 -1.51 24.85
CA ARG B 94 -0.14 -2.69 25.46
C ARG B 94 -1.01 -3.45 24.45
N TYR B 95 -1.68 -2.74 23.56
CA TYR B 95 -2.53 -3.37 22.55
C TYR B 95 -1.73 -4.35 21.69
N TYR B 96 -0.60 -3.89 21.16
CA TYR B 96 0.19 -4.79 20.32
C TYR B 96 0.96 -5.85 21.12
N ALA B 97 1.34 -5.53 22.35
CA ALA B 97 1.88 -6.57 23.24
C ALA B 97 0.87 -7.70 23.41
N GLU B 98 -0.39 -7.32 23.58
CA GLU B 98 -1.43 -8.28 23.91
C GLU B 98 -1.98 -9.05 22.71
N HIS B 99 -1.90 -8.46 21.52
CA HIS B 99 -2.52 -9.06 20.33
C HIS B 99 -1.60 -9.35 19.17
N GLY B 100 -0.39 -8.79 19.20
CA GLY B 100 0.48 -8.82 18.03
C GLY B 100 0.86 -10.20 17.54
N GLU B 101 1.19 -11.10 18.46
CA GLU B 101 1.56 -12.45 18.07
C GLU B 101 0.39 -13.15 17.36
N GLN B 102 -0.79 -13.05 17.96
CA GLN B 102 -1.99 -13.64 17.36
C GLN B 102 -2.25 -13.04 15.98
N PHE B 103 -2.10 -11.72 15.89
CA PHE B 103 -2.34 -11.01 14.63
C PHE B 103 -1.37 -11.41 13.52
N LEU B 104 -0.21 -11.95 13.90
CA LEU B 104 0.82 -12.34 12.94
C LEU B 104 0.95 -13.86 12.75
N ALA B 105 0.07 -14.63 13.38
CA ALA B 105 0.14 -16.09 13.31
C ALA B 105 -0.14 -16.59 11.89
N ASN B 106 0.41 -17.76 11.58
CA ASN B 106 0.18 -18.39 10.28
C ASN B 106 -1.31 -18.53 10.02
N GLU B 107 -1.73 -18.24 8.79
CA GLU B 107 -3.12 -18.46 8.39
C GLU B 107 -3.13 -19.56 7.33
N TYR B 108 -3.78 -20.68 7.64
CA TYR B 108 -3.74 -21.84 6.76
C TYR B 108 -4.90 -21.82 5.80
N THR B 109 -4.64 -22.25 4.57
CA THR B 109 -5.66 -22.36 3.55
C THR B 109 -5.53 -23.75 2.94
N GLU B 110 -6.65 -24.47 2.87
CA GLU B 110 -6.61 -25.84 2.36
C GLU B 110 -6.40 -25.87 0.85
N THR B 111 -5.37 -26.59 0.43
CA THR B 111 -5.13 -26.86 -0.98
C THR B 111 -4.69 -28.31 -1.09
N GLN B 112 -4.16 -28.67 -2.26
CA GLN B 112 -3.62 -30.00 -2.48
C GLN B 112 -2.26 -30.17 -1.78
N ALA B 113 -1.69 -29.07 -1.33
CA ALA B 113 -0.46 -29.15 -0.55
C ALA B 113 -0.69 -29.85 0.78
N THR B 114 0.34 -30.53 1.28
CA THR B 114 0.30 -31.03 2.65
C THR B 114 0.15 -29.87 3.63
N GLU B 115 0.88 -28.79 3.36
CA GLU B 115 0.76 -27.56 4.15
C GLU B 115 0.75 -26.38 3.22
N SER B 116 -0.24 -25.51 3.35
CA SER B 116 -0.21 -24.23 2.65
C SER B 116 -0.78 -23.17 3.57
N TYR B 117 -0.05 -22.06 3.65
CA TYR B 117 -0.41 -20.99 4.57
C TYR B 117 0.29 -19.70 4.19
N VAL B 118 -0.15 -18.62 4.83
CA VAL B 118 0.56 -17.35 4.79
C VAL B 118 1.19 -17.13 6.16
N CYS B 119 2.46 -16.76 6.18
CA CYS B 119 3.10 -16.34 7.42
C CYS B 119 3.51 -14.90 7.25
N TYR B 120 3.87 -14.26 8.36
CA TYR B 120 4.09 -12.82 8.35
C TYR B 120 5.46 -12.53 8.93
N GLN B 121 6.31 -11.90 8.13
CA GLN B 121 7.68 -11.63 8.55
C GLN B 121 8.02 -10.16 8.35
N PRO B 122 8.89 -9.62 9.20
CA PRO B 122 9.22 -8.19 9.09
C PRO B 122 9.95 -7.87 7.77
N LEU B 123 9.75 -6.65 7.30
CA LEU B 123 10.44 -6.17 6.12
C LEU B 123 11.89 -5.75 6.37
N GLY B 124 12.16 -5.13 7.52
CA GLY B 124 13.48 -4.58 7.79
C GLY B 124 13.36 -3.18 8.37
N ILE B 125 14.20 -2.26 7.90
CA ILE B 125 14.18 -0.89 8.39
C ILE B 125 13.00 -0.12 7.81
N LEU B 126 12.18 0.44 8.71
CA LEU B 126 11.09 1.32 8.32
C LEU B 126 11.42 2.75 8.70
N LEU B 127 11.20 3.67 7.76
CA LEU B 127 11.29 5.09 8.04
C LEU B 127 9.92 5.63 8.41
N ALA B 128 9.86 6.38 9.51
CA ALA B 128 8.66 7.12 9.89
C ALA B 128 8.96 8.61 9.94
N VAL B 129 8.20 9.38 9.16
CA VAL B 129 8.25 10.84 9.19
C VAL B 129 7.00 11.34 9.90
N MET B 130 7.20 12.00 11.04
CA MET B 130 6.10 12.31 11.95
C MET B 130 5.94 13.81 12.20
N PRO B 131 4.72 14.22 12.59
CA PRO B 131 4.41 15.63 12.82
C PRO B 131 4.41 16.04 14.29
N TRP B 132 4.42 17.34 14.53
CA TRP B 132 4.53 17.88 15.88
C TRP B 132 3.22 17.84 16.67
N ASN B 133 2.09 17.55 16.03
CA ASN B 133 0.81 17.77 16.71
C ASN B 133 0.43 16.75 17.77
N PHE B 134 0.88 15.50 17.56
CA PHE B 134 0.76 14.46 18.58
C PHE B 134 2.14 13.81 18.64
N PRO B 135 3.08 14.49 19.27
CA PRO B 135 4.48 14.12 19.13
C PRO B 135 4.88 12.81 19.81
N PHE B 136 4.05 12.32 20.74
CA PHE B 136 4.25 10.98 21.30
C PHE B 136 3.34 9.96 20.62
N TRP B 137 2.05 10.25 20.57
CA TRP B 137 1.06 9.30 20.09
C TRP B 137 1.29 8.87 18.64
N GLN B 138 1.61 9.81 17.75
CA GLN B 138 1.82 9.43 16.36
C GLN B 138 2.99 8.47 16.25
N VAL B 139 4.01 8.69 17.07
CA VAL B 139 5.18 7.83 17.06
C VAL B 139 4.89 6.44 17.61
N PHE B 140 4.26 6.36 18.78
CA PHE B 140 3.96 5.06 19.37
C PHE B 140 2.93 4.28 18.55
N ARG B 141 2.01 4.99 17.92
CA ARG B 141 1.03 4.37 17.01
C ARG B 141 1.70 3.53 15.91
N PHE B 142 2.80 4.04 15.37
CA PHE B 142 3.58 3.33 14.37
C PHE B 142 4.57 2.36 15.01
N ALA B 143 5.25 2.81 16.06
CA ALA B 143 6.38 2.06 16.59
C ALA B 143 5.96 0.77 17.30
N ALA B 144 4.86 0.80 18.06
CA ALA B 144 4.43 -0.40 18.76
C ALA B 144 4.20 -1.59 17.81
N PRO B 145 3.36 -1.44 16.76
CA PRO B 145 3.23 -2.61 15.88
C PRO B 145 4.49 -2.92 15.08
N ALA B 146 5.23 -1.88 14.67
CA ALA B 146 6.49 -2.09 13.94
C ALA B 146 7.43 -2.98 14.71
N LEU B 147 7.63 -2.65 15.98
CA LEU B 147 8.57 -3.37 16.82
C LEU B 147 8.01 -4.74 17.20
N MET B 148 6.71 -4.86 17.45
CA MET B 148 6.16 -6.17 17.77
C MET B 148 6.31 -7.13 16.58
N ALA B 149 6.27 -6.60 15.35
CA ALA B 149 6.39 -7.40 14.15
C ALA B 149 7.83 -7.80 13.81
N GLY B 150 8.81 -7.19 14.49
CA GLY B 150 10.19 -7.53 14.23
C GLY B 150 10.91 -6.60 13.28
N ASN B 151 10.25 -5.53 12.85
CA ASN B 151 10.93 -4.48 12.10
C ASN B 151 11.79 -3.65 13.03
N VAL B 152 12.71 -2.89 12.46
CA VAL B 152 13.36 -1.81 13.19
C VAL B 152 12.94 -0.48 12.54
N ALA B 153 13.15 0.62 13.25
CA ALA B 153 12.60 1.89 12.79
C ALA B 153 13.57 3.03 12.95
N VAL B 154 13.55 3.94 11.98
CA VAL B 154 14.21 5.22 12.11
C VAL B 154 13.15 6.31 12.02
N LEU B 155 13.17 7.22 12.97
CA LEU B 155 12.20 8.29 13.08
C LEU B 155 12.81 9.61 12.66
N LYS B 156 12.18 10.27 11.68
CA LYS B 156 12.43 11.68 11.42
C LYS B 156 11.22 12.43 11.95
N HIS B 157 11.38 13.02 13.12
CA HIS B 157 10.31 13.79 13.73
C HIS B 157 10.33 15.21 13.23
N ALA B 158 9.27 15.97 13.54
CA ALA B 158 9.22 17.38 13.18
C ALA B 158 10.37 18.14 13.84
N SER B 159 10.87 19.16 13.16
CA SER B 159 12.05 19.92 13.61
C SER B 159 11.81 20.72 14.88
N ASN B 160 10.53 20.94 15.22
CA ASN B 160 10.18 21.70 16.41
C ASN B 160 9.89 20.84 17.64
N VAL B 161 10.00 19.51 17.53
CA VAL B 161 9.85 18.65 18.71
C VAL B 161 11.05 17.72 18.95
N PRO B 162 12.27 18.28 18.92
CA PRO B 162 13.44 17.40 19.11
C PRO B 162 13.47 16.74 20.50
N GLN B 163 13.06 17.46 21.54
CA GLN B 163 13.08 16.83 22.86
C GLN B 163 12.08 15.68 22.95
N CYS B 164 10.92 15.83 22.32
CA CYS B 164 9.96 14.72 22.30
C CYS B 164 10.56 13.53 21.54
N ALA B 165 11.19 13.81 20.41
CA ALA B 165 11.79 12.77 19.59
C ALA B 165 12.87 12.02 20.36
N LEU B 166 13.70 12.74 21.09
CA LEU B 166 14.75 12.09 21.88
C LEU B 166 14.16 11.31 23.04
N ALA B 167 13.10 11.83 23.65
CA ALA B 167 12.45 11.15 24.75
C ALA B 167 11.85 9.81 24.34
N VAL B 168 11.24 9.75 23.15
CA VAL B 168 10.70 8.47 22.69
C VAL B 168 11.80 7.42 22.56
N GLU B 169 12.92 7.79 21.96
CA GLU B 169 14.05 6.85 21.88
C GLU B 169 14.51 6.44 23.28
N ALA B 170 14.59 7.40 24.21
CA ALA B 170 15.05 7.10 25.57
C ALA B 170 14.08 6.15 26.29
N ILE B 171 12.78 6.32 26.07
CA ILE B 171 11.81 5.41 26.65
C ILE B 171 12.06 3.99 26.15
N LEU B 172 12.25 3.84 24.85
CA LEU B 172 12.43 2.53 24.26
C LEU B 172 13.77 1.88 24.68
N GLU B 173 14.81 2.69 24.86
CA GLU B 173 16.07 2.17 25.41
C GLU B 173 15.87 1.68 26.82
N ALA B 174 15.21 2.48 27.65
CA ALA B 174 15.02 2.12 29.06
C ALA B 174 14.15 0.87 29.18
N ALA B 175 13.23 0.70 28.24
CA ALA B 175 12.34 -0.46 28.24
C ALA B 175 13.07 -1.75 27.95
N GLY B 176 14.20 -1.65 27.25
CA GLY B 176 15.03 -2.80 26.96
C GLY B 176 15.22 -3.12 25.50
N PHE B 177 14.61 -2.36 24.59
CA PHE B 177 14.81 -2.64 23.17
C PHE B 177 16.28 -2.47 22.79
N PRO B 178 16.84 -3.47 22.09
CA PRO B 178 18.26 -3.38 21.74
C PRO B 178 18.62 -2.15 20.90
N GLU B 179 19.87 -1.73 21.04
CA GLU B 179 20.38 -0.57 20.32
C GLU B 179 20.22 -0.77 18.82
N GLY B 180 19.72 0.25 18.13
CA GLY B 180 19.50 0.14 16.70
C GLY B 180 18.11 -0.31 16.29
N VAL B 181 17.33 -0.81 17.24
CA VAL B 181 15.96 -1.21 16.92
C VAL B 181 15.06 0.01 16.69
N PHE B 182 15.32 1.09 17.43
CA PHE B 182 14.62 2.35 17.21
C PHE B 182 15.61 3.48 17.32
N GLN B 183 15.67 4.34 16.31
CA GLN B 183 16.58 5.48 16.38
C GLN B 183 15.92 6.75 15.91
N THR B 184 16.03 7.78 16.73
CA THR B 184 15.62 9.13 16.36
C THR B 184 16.70 9.81 15.54
N LEU B 185 16.31 10.31 14.37
CA LEU B 185 17.21 11.05 13.50
C LEU B 185 16.89 12.52 13.61
N LEU B 186 17.79 13.29 14.22
CA LEU B 186 17.61 14.74 14.28
C LEU B 186 18.04 15.33 12.94
N ILE B 187 17.13 15.31 11.98
CA ILE B 187 17.42 15.75 10.62
C ILE B 187 16.28 16.58 10.07
N GLY B 188 16.57 17.43 9.10
CA GLY B 188 15.56 18.25 8.47
C GLY B 188 14.89 17.55 7.30
N ALA B 189 13.87 18.22 6.76
CA ALA B 189 13.11 17.67 5.66
C ALA B 189 13.95 17.35 4.43
N SER B 190 14.96 18.18 4.15
CA SER B 190 15.81 17.96 2.98
C SER B 190 16.69 16.73 3.09
N GLN B 191 16.76 16.15 4.29
CA GLN B 191 17.66 15.03 4.55
C GLN B 191 16.97 13.68 4.43
N VAL B 192 15.65 13.71 4.25
CA VAL B 192 14.86 12.49 4.20
C VAL B 192 15.10 11.68 2.92
N GLU B 193 15.37 12.38 1.82
CA GLU B 193 15.60 11.70 0.54
C GLU B 193 16.72 10.67 0.64
N GLN B 194 17.80 11.02 1.34
CA GLN B 194 18.89 10.07 1.54
C GLN B 194 18.38 8.77 2.21
N VAL B 195 17.52 8.92 3.20
CA VAL B 195 17.00 7.78 3.91
C VAL B 195 16.13 6.90 3.02
N ILE B 196 15.20 7.52 2.29
CA ILE B 196 14.30 6.76 1.41
C ILE B 196 15.08 6.04 0.31
N LYS B 197 16.16 6.67 -0.17
CA LYS B 197 16.95 6.09 -1.25
C LYS B 197 17.96 5.04 -0.78
N ASP B 198 18.15 4.91 0.52
CA ASP B 198 19.13 3.95 1.03
C ASP B 198 18.60 2.53 0.83
N PRO B 199 19.42 1.65 0.27
CA PRO B 199 18.91 0.31 -0.06
C PRO B 199 18.47 -0.50 1.15
N ARG B 200 18.94 -0.16 2.35
CA ARG B 200 18.56 -0.91 3.54
C ARG B 200 17.17 -0.52 4.06
N VAL B 201 16.69 0.66 3.67
CA VAL B 201 15.39 1.14 4.12
C VAL B 201 14.34 0.54 3.20
N LYS B 202 13.35 -0.16 3.78
CA LYS B 202 12.45 -0.99 2.97
C LYS B 202 11.04 -0.42 2.77
N ALA B 203 10.66 0.53 3.60
CA ALA B 203 9.31 1.08 3.56
C ALA B 203 9.27 2.38 4.32
N ALA B 204 8.21 3.17 4.12
CA ALA B 204 8.12 4.44 4.81
C ALA B 204 6.69 4.85 5.10
N THR B 205 6.50 5.54 6.21
CA THR B 205 5.20 6.10 6.55
C THR B 205 5.36 7.58 6.88
N LEU B 206 4.35 8.38 6.53
CA LEU B 206 4.35 9.79 6.88
C LEU B 206 2.98 10.22 7.32
N THR B 207 2.94 10.98 8.41
CA THR B 207 1.75 11.70 8.84
C THR B 207 2.10 13.17 8.83
N GLY B 208 1.25 13.99 8.24
CA GLY B 208 1.55 15.41 8.09
C GLY B 208 0.80 16.06 6.94
N SER B 209 1.45 17.02 6.29
CA SER B 209 0.84 17.79 5.20
C SER B 209 0.90 17.04 3.88
N GLU B 210 0.01 17.43 2.98
CA GLU B 210 0.01 16.85 1.64
C GLU B 210 1.34 17.02 0.89
N PRO B 211 1.95 18.22 0.91
CA PRO B 211 3.21 18.34 0.16
C PRO B 211 4.31 17.43 0.69
N ALA B 212 4.37 17.27 2.01
CA ALA B 212 5.34 16.36 2.60
C ALA B 212 5.05 14.91 2.17
N GLY B 213 3.78 14.52 2.24
CA GLY B 213 3.41 13.17 1.82
C GLY B 213 3.70 12.91 0.36
N ALA B 214 3.40 13.88 -0.49
CA ALA B 214 3.68 13.75 -1.92
C ALA B 214 5.17 13.57 -2.20
N SER B 215 6.00 14.32 -1.47
CA SER B 215 7.45 14.22 -1.64
C SER B 215 7.93 12.83 -1.24
N LEU B 216 7.56 12.39 -0.04
CA LEU B 216 7.98 11.09 0.43
C LEU B 216 7.46 9.94 -0.44
N ALA B 217 6.17 10.00 -0.80
CA ALA B 217 5.59 8.89 -1.54
C ALA B 217 6.10 8.82 -2.98
N SER B 218 6.34 9.97 -3.61
CA SER B 218 6.89 9.96 -4.96
C SER B 218 8.30 9.37 -4.95
N LEU B 219 9.12 9.76 -3.99
CA LEU B 219 10.46 9.21 -3.84
C LEU B 219 10.43 7.70 -3.55
N ALA B 220 9.57 7.29 -2.63
CA ALA B 220 9.46 5.86 -2.29
C ALA B 220 8.97 5.06 -3.50
N GLY B 221 8.03 5.61 -4.25
CA GLY B 221 7.54 4.96 -5.46
C GLY B 221 8.65 4.71 -6.46
N GLN B 222 9.50 5.72 -6.66
CA GLN B 222 10.64 5.57 -7.57
C GLN B 222 11.55 4.42 -7.15
N GLU B 223 11.65 4.20 -5.84
CA GLU B 223 12.51 3.18 -5.27
C GLU B 223 11.81 1.83 -5.05
N ILE B 224 10.57 1.70 -5.52
CA ILE B 224 9.76 0.49 -5.36
C ILE B 224 9.58 0.11 -3.88
N LYS B 225 9.19 1.10 -3.07
CA LYS B 225 9.01 0.86 -1.64
C LYS B 225 7.60 1.25 -1.23
N PRO B 226 6.95 0.39 -0.42
CA PRO B 226 5.58 0.67 0.01
C PRO B 226 5.52 1.79 1.04
N THR B 227 4.37 2.49 1.04
CA THR B 227 4.12 3.59 1.95
C THR B 227 2.75 3.52 2.59
N LEU B 228 2.58 4.31 3.64
CA LEU B 228 1.30 4.59 4.25
C LEU B 228 1.33 6.09 4.53
N LEU B 229 0.26 6.80 4.15
CA LEU B 229 0.17 8.23 4.36
C LEU B 229 -1.11 8.59 5.11
N GLU B 230 -1.00 9.45 6.11
CA GLU B 230 -2.18 10.07 6.72
C GLU B 230 -1.95 11.58 6.73
N LEU B 231 -2.75 12.30 5.94
CA LEU B 231 -2.44 13.69 5.58
C LEU B 231 -3.46 14.78 5.88
N GLY B 232 -4.16 14.68 7.00
CA GLY B 232 -5.07 15.77 7.32
C GLY B 232 -6.43 15.64 6.67
N GLY B 233 -7.36 16.46 7.13
CA GLY B 233 -8.73 16.37 6.71
C GLY B 233 -9.46 17.68 6.87
N SER B 234 -10.68 17.72 6.36
CA SER B 234 -11.60 18.80 6.69
C SER B 234 -12.93 18.14 7.06
N ASP B 235 -12.92 17.44 8.17
CA ASP B 235 -14.00 16.53 8.52
C ASP B 235 -15.30 17.27 8.78
N PRO B 236 -16.40 16.74 8.23
CA PRO B 236 -17.70 17.33 8.53
C PRO B 236 -18.22 16.87 9.89
N PHE B 237 -19.04 17.73 10.49
CA PHE B 237 -19.74 17.44 11.74
C PHE B 237 -21.18 17.82 11.42
N VAL B 238 -21.99 16.81 11.13
CA VAL B 238 -23.34 17.00 10.60
C VAL B 238 -24.37 16.84 11.70
N VAL B 239 -25.23 17.84 11.85
CA VAL B 239 -26.21 17.81 12.93
C VAL B 239 -27.63 17.90 12.38
N PHE B 240 -28.41 16.85 12.60
CA PHE B 240 -29.74 16.74 12.02
C PHE B 240 -30.84 16.89 13.10
N PRO B 241 -32.12 17.04 12.69
CA PRO B 241 -33.13 17.48 13.66
C PRO B 241 -33.42 16.55 14.83
N SER B 242 -33.14 15.26 14.70
CA SER B 242 -33.39 14.32 15.79
C SER B 242 -32.19 14.19 16.74
N ALA B 243 -31.14 14.98 16.50
CA ALA B 243 -29.94 14.92 17.33
C ALA B 243 -30.17 15.42 18.76
N ASP B 244 -29.38 14.91 19.70
CA ASP B 244 -29.27 15.51 21.03
C ASP B 244 -28.45 16.77 20.84
N LEU B 245 -29.13 17.91 20.73
CA LEU B 245 -28.48 19.15 20.35
C LEU B 245 -27.43 19.61 21.36
N ASP B 246 -27.77 19.54 22.64
CA ASP B 246 -26.82 19.99 23.66
C ASP B 246 -25.57 19.12 23.69
N GLU B 247 -25.74 17.81 23.52
CA GLU B 247 -24.58 16.93 23.44
C GLU B 247 -23.76 17.25 22.20
N ALA B 248 -24.43 17.50 21.08
CA ALA B 248 -23.73 17.78 19.83
C ALA B 248 -22.92 19.06 19.91
N VAL B 249 -23.46 20.07 20.59
CA VAL B 249 -22.73 21.34 20.79
C VAL B 249 -21.50 21.15 21.65
N GLU B 250 -21.66 20.44 22.76
CA GLU B 250 -20.55 20.21 23.67
C GLU B 250 -19.45 19.38 22.99
N VAL B 251 -19.86 18.27 22.39
CA VAL B 251 -18.91 17.38 21.74
C VAL B 251 -18.27 18.04 20.51
N GLY B 252 -19.08 18.77 19.73
CA GLY B 252 -18.56 19.52 18.60
C GLY B 252 -17.51 20.56 19.00
N THR B 253 -17.74 21.20 20.14
CA THR B 253 -16.79 22.20 20.63
C THR B 253 -15.47 21.52 20.95
N VAL B 254 -15.52 20.40 21.65
CA VAL B 254 -14.31 19.63 21.93
C VAL B 254 -13.65 19.18 20.62
N ALA B 255 -14.44 18.66 19.69
CA ALA B 255 -13.88 18.13 18.45
C ALA B 255 -13.14 19.20 17.63
N ARG B 256 -13.67 20.42 17.59
CA ARG B 256 -13.01 21.48 16.85
C ARG B 256 -11.80 22.04 17.60
N THR B 257 -11.89 22.13 18.91
CA THR B 257 -10.90 22.91 19.67
C THR B 257 -9.85 22.10 20.42
N MET B 258 -10.02 20.79 20.53
CA MET B 258 -9.01 19.93 21.16
C MET B 258 -7.67 20.10 20.44
N ASN B 259 -6.58 19.96 21.19
CA ASN B 259 -5.23 20.12 20.62
C ASN B 259 -5.05 21.47 19.95
N ASN B 260 -5.71 22.47 20.51
CA ASN B 260 -5.73 23.83 19.95
C ASN B 260 -6.16 23.85 18.49
N GLY B 261 -7.04 22.91 18.14
CA GLY B 261 -7.56 22.78 16.79
C GLY B 261 -6.69 21.99 15.83
N GLN B 262 -5.48 21.64 16.26
CA GLN B 262 -4.47 21.05 15.37
C GLN B 262 -4.57 19.54 15.32
N SER B 263 -5.68 19.05 14.78
CA SER B 263 -5.90 17.63 14.60
C SER B 263 -6.45 17.33 13.23
N CYS B 264 -5.93 16.27 12.62
CA CYS B 264 -6.39 15.79 11.34
C CYS B 264 -7.88 15.45 11.36
N ILE B 265 -8.37 15.03 12.52
CA ILE B 265 -9.78 14.64 12.70
C ILE B 265 -10.56 15.63 13.57
N ALA B 266 -10.09 16.88 13.65
CA ALA B 266 -10.93 17.92 14.22
C ALA B 266 -12.24 18.00 13.43
N ALA B 267 -13.31 18.38 14.11
CA ALA B 267 -14.52 18.79 13.40
C ALA B 267 -14.22 20.16 12.81
N LYS B 268 -14.14 20.24 11.49
CA LYS B 268 -13.75 21.50 10.84
C LYS B 268 -14.90 22.22 10.14
N ARG B 269 -15.85 21.45 9.62
CA ARG B 269 -16.99 22.02 8.90
C ARG B 269 -18.29 21.52 9.53
N PHE B 270 -18.99 22.43 10.21
CA PHE B 270 -20.25 22.12 10.85
C PHE B 270 -21.37 22.29 9.85
N ILE B 271 -22.09 21.21 9.60
CA ILE B 271 -23.16 21.18 8.60
C ILE B 271 -24.48 20.96 9.33
N LEU B 272 -25.28 22.02 9.42
CA LEU B 272 -26.42 22.05 10.32
C LEU B 272 -27.72 22.04 9.54
N HIS B 273 -28.61 21.10 9.87
CA HIS B 273 -29.94 21.11 9.27
C HIS B 273 -30.64 22.40 9.67
N GLU B 274 -31.29 23.05 8.71
CA GLU B 274 -31.94 24.34 8.94
C GLU B 274 -32.93 24.35 10.11
N ALA B 275 -33.54 23.20 10.40
CA ALA B 275 -34.51 23.12 11.49
C ALA B 275 -33.88 23.35 12.87
N ILE B 276 -32.59 23.04 13.00
CA ILE B 276 -31.93 23.18 14.30
C ILE B 276 -30.77 24.16 14.27
N ALA B 277 -30.50 24.76 13.11
CA ALA B 277 -29.28 25.54 12.92
C ALA B 277 -29.16 26.75 13.83
N ALA B 278 -30.26 27.49 14.00
CA ALA B 278 -30.20 28.71 14.82
C ALA B 278 -29.86 28.39 16.28
N GLU B 279 -30.54 27.40 16.84
CA GLU B 279 -30.31 26.98 18.22
C GLU B 279 -28.89 26.44 18.38
N PHE B 280 -28.48 25.56 17.46
CA PHE B 280 -27.16 24.97 17.54
C PHE B 280 -26.08 26.04 17.47
N LEU B 281 -26.21 26.96 16.51
CA LEU B 281 -25.16 27.93 16.26
C LEU B 281 -25.03 28.90 17.44
N GLU B 282 -26.15 29.30 18.02
CA GLU B 282 -26.09 30.20 19.17
C GLU B 282 -25.39 29.52 20.34
N LYS B 283 -25.74 28.27 20.59
CA LYS B 283 -25.11 27.51 21.66
C LYS B 283 -23.61 27.28 21.40
N LEU B 284 -23.26 27.02 20.14
CA LEU B 284 -21.85 26.82 19.78
C LEU B 284 -21.07 28.11 20.02
N HIS B 285 -21.65 29.23 19.61
CA HIS B 285 -21.07 30.56 19.78
C HIS B 285 -20.76 30.82 21.25
N LEU B 286 -21.76 30.57 22.12
CA LEU B 286 -21.55 30.81 23.54
C LEU B 286 -20.53 29.85 24.16
N LYS B 287 -20.54 28.59 23.75
CA LYS B 287 -19.59 27.61 24.25
C LYS B 287 -18.16 28.02 23.87
N PHE B 288 -17.98 28.42 22.62
CA PHE B 288 -16.66 28.83 22.17
C PHE B 288 -16.17 30.05 22.95
N ALA B 289 -17.08 30.99 23.23
CA ALA B 289 -16.71 32.24 23.91
C ALA B 289 -16.29 32.02 25.35
N SER B 290 -16.72 30.91 25.94
CA SER B 290 -16.35 30.59 27.32
C SER B 290 -15.03 29.84 27.46
N LEU B 291 -14.42 29.44 26.35
CA LEU B 291 -13.18 28.69 26.41
C LEU B 291 -12.04 29.52 27.01
N LYS B 292 -11.24 28.89 27.88
CA LYS B 292 -10.13 29.61 28.51
C LYS B 292 -8.86 29.54 27.68
N ILE B 293 -8.38 30.68 27.24
CA ILE B 293 -7.17 30.78 26.42
C ILE B 293 -6.01 31.23 27.28
N GLY B 294 -4.89 30.52 27.22
CA GLY B 294 -3.74 30.91 28.02
C GLY B 294 -2.64 29.88 28.11
N ASP B 295 -1.93 29.90 29.24
CA ASP B 295 -0.76 29.04 29.42
C ASP B 295 -1.20 27.58 29.44
N PRO B 296 -0.71 26.79 28.47
CA PRO B 296 -1.16 25.38 28.42
C PRO B 296 -0.68 24.54 29.61
N MET B 297 0.30 25.02 30.37
CA MET B 297 0.71 24.29 31.58
C MET B 297 -0.33 24.36 32.70
N ALA B 298 -1.24 25.34 32.63
CA ALA B 298 -2.28 25.49 33.65
C ALA B 298 -3.44 24.52 33.39
N PRO B 299 -3.85 23.77 34.42
CA PRO B 299 -4.92 22.76 34.26
C PRO B 299 -6.26 23.31 33.77
N GLU B 300 -6.53 24.59 34.03
CA GLU B 300 -7.80 25.21 33.62
C GLU B 300 -7.80 25.68 32.17
N THR B 301 -6.64 25.69 31.53
CA THR B 301 -6.56 26.21 30.16
C THR B 301 -7.22 25.25 29.16
N ASP B 302 -8.06 25.80 28.29
CA ASP B 302 -8.64 25.04 27.18
C ASP B 302 -7.82 25.17 25.91
N ILE B 303 -7.36 26.40 25.64
CA ILE B 303 -6.70 26.72 24.38
C ILE B 303 -5.33 27.31 24.67
N GLY B 304 -4.28 26.57 24.32
CA GLY B 304 -2.93 27.11 24.32
C GLY B 304 -2.63 27.79 23.01
N PRO B 305 -1.36 28.16 22.79
CA PRO B 305 -0.97 28.79 21.52
C PRO B 305 -0.91 27.75 20.41
N LEU B 306 -1.00 28.20 19.16
CA LEU B 306 -0.67 27.33 18.03
C LEU B 306 0.81 26.99 18.10
N ALA B 307 1.21 25.90 17.44
CA ALA B 307 2.53 25.35 17.69
C ALA B 307 3.68 26.20 17.18
N THR B 308 3.45 26.93 16.07
CA THR B 308 4.53 27.71 15.45
C THR B 308 4.01 29.02 14.89
N GLU B 309 4.94 29.92 14.64
CA GLU B 309 4.61 31.19 14.00
C GLU B 309 4.02 30.96 12.61
N GLY B 310 4.52 29.96 11.90
CA GLY B 310 4.02 29.64 10.57
C GLY B 310 2.58 29.18 10.56
N ILE B 311 2.21 28.35 11.53
CA ILE B 311 0.82 27.90 11.64
C ILE B 311 -0.09 29.09 11.94
N LEU B 312 0.37 29.97 12.83
CA LEU B 312 -0.37 31.19 13.14
C LEU B 312 -0.55 32.07 11.91
N GLN B 313 0.53 32.28 11.16
CA GLN B 313 0.47 33.10 9.95
C GLN B 313 -0.47 32.48 8.93
N ASP B 314 -0.44 31.16 8.82
CA ASP B 314 -1.28 30.46 7.85
C ASP B 314 -2.77 30.65 8.13
N ILE B 315 -3.21 30.35 9.35
CA ILE B 315 -4.63 30.49 9.65
C ILE B 315 -5.09 31.94 9.59
N SER B 316 -4.23 32.86 10.02
CA SER B 316 -4.56 34.28 9.97
C SER B 316 -4.85 34.72 8.54
N ARG B 317 -4.03 34.26 7.62
CA ARG B 317 -4.24 34.59 6.21
C ARG B 317 -5.48 33.91 5.63
N GLN B 318 -5.67 32.64 5.96
CA GLN B 318 -6.82 31.90 5.47
C GLN B 318 -8.12 32.59 5.87
N VAL B 319 -8.20 32.96 7.14
CA VAL B 319 -9.39 33.63 7.65
C VAL B 319 -9.55 35.02 7.03
N ASP B 320 -8.47 35.79 6.97
CA ASP B 320 -8.53 37.14 6.41
C ASP B 320 -9.05 37.12 4.98
N GLN B 321 -8.57 36.17 4.19
CA GLN B 321 -8.99 36.06 2.79
C GLN B 321 -10.45 35.63 2.64
N ALA B 322 -10.91 34.73 3.51
CA ALA B 322 -12.30 34.30 3.49
C ALA B 322 -13.20 35.48 3.82
N VAL B 323 -12.81 36.27 4.82
CA VAL B 323 -13.59 37.43 5.24
C VAL B 323 -13.65 38.49 4.15
N ALA B 324 -12.51 38.74 3.50
CA ALA B 324 -12.46 39.70 2.40
C ALA B 324 -13.39 39.28 1.27
N ALA B 325 -13.51 37.97 1.06
CA ALA B 325 -14.38 37.42 0.02
C ALA B 325 -15.86 37.49 0.39
N GLY B 326 -16.15 37.74 1.65
CA GLY B 326 -17.52 37.92 2.09
C GLY B 326 -17.98 37.09 3.28
N ALA B 327 -17.11 36.21 3.77
CA ALA B 327 -17.45 35.40 4.93
C ALA B 327 -17.65 36.28 6.15
N LYS B 328 -18.53 35.85 7.05
CA LYS B 328 -18.81 36.61 8.25
C LYS B 328 -18.13 35.98 9.48
N ILE B 329 -17.53 36.84 10.29
CA ILE B 329 -16.96 36.42 11.57
C ILE B 329 -18.01 36.52 12.65
N LEU B 330 -18.46 35.37 13.16
CA LEU B 330 -19.37 35.36 14.29
C LEU B 330 -18.60 35.53 15.59
N LEU B 331 -17.35 35.05 15.60
CA LEU B 331 -16.51 35.07 16.79
C LEU B 331 -15.05 34.95 16.37
N GLY B 332 -14.16 35.70 17.02
CA GLY B 332 -12.73 35.56 16.83
C GLY B 332 -12.21 36.18 15.55
N GLY B 333 -11.34 35.47 14.85
CA GLY B 333 -10.94 35.89 13.51
C GLY B 333 -9.72 36.78 13.40
N ARG B 334 -8.98 36.92 14.49
CA ARG B 334 -7.77 37.72 14.48
C ARG B 334 -6.82 37.20 15.55
N PRO B 335 -5.52 37.17 15.26
CA PRO B 335 -4.56 36.72 16.27
C PRO B 335 -4.60 37.59 17.54
N LEU B 336 -4.29 36.99 18.68
CA LEU B 336 -4.33 37.72 19.93
C LEU B 336 -3.11 38.60 20.07
N ASP B 337 -3.29 39.76 20.67
CA ASP B 337 -2.20 40.69 20.91
C ASP B 337 -1.56 40.35 22.25
N ARG B 338 -0.79 39.28 22.27
CA ARG B 338 -0.06 38.85 23.46
C ARG B 338 1.11 38.00 23.03
N ALA B 339 2.04 37.76 23.94
CA ALA B 339 3.19 36.91 23.65
C ALA B 339 2.73 35.49 23.33
N GLY B 340 3.43 34.85 22.42
CA GLY B 340 3.10 33.49 22.02
C GLY B 340 2.19 33.46 20.81
N TYR B 341 2.08 32.28 20.19
CA TYR B 341 1.40 32.17 18.90
C TYR B 341 -0.10 31.93 19.06
N PHE B 342 -0.77 32.84 19.76
CA PHE B 342 -2.17 32.63 20.13
C PHE B 342 -3.16 33.08 19.06
N TYR B 343 -4.12 32.20 18.75
CA TYR B 343 -5.22 32.50 17.85
C TYR B 343 -6.50 32.03 18.56
N PRO B 344 -7.54 32.88 18.60
CA PRO B 344 -8.72 32.55 19.38
C PRO B 344 -9.66 31.60 18.67
N PRO B 345 -10.46 30.86 19.45
CA PRO B 345 -11.58 30.13 18.85
C PRO B 345 -12.40 31.06 17.95
N THR B 346 -12.72 30.57 16.76
CA THR B 346 -13.28 31.41 15.73
C THR B 346 -14.43 30.66 15.07
N ILE B 347 -15.48 31.37 14.70
CA ILE B 347 -16.58 30.80 13.96
C ILE B 347 -16.84 31.66 12.73
N LEU B 348 -16.84 31.02 11.57
CA LEU B 348 -17.11 31.70 10.29
C LEU B 348 -18.41 31.20 9.70
N THR B 349 -19.24 32.12 9.22
CA THR B 349 -20.52 31.77 8.62
C THR B 349 -20.67 32.44 7.27
N GLU B 350 -21.70 32.04 6.53
CA GLU B 350 -22.05 32.66 5.26
C GLU B 350 -20.86 32.74 4.31
N ILE B 351 -20.10 31.66 4.25
CA ILE B 351 -18.94 31.60 3.36
C ILE B 351 -19.40 31.51 1.92
N PRO B 352 -18.96 32.46 1.08
CA PRO B 352 -19.45 32.44 -0.31
C PRO B 352 -18.96 31.24 -1.10
N PRO B 353 -19.82 30.73 -2.01
CA PRO B 353 -19.50 29.64 -2.93
C PRO B 353 -18.25 29.95 -3.72
N GLY B 354 -17.34 29.00 -3.83
CA GLY B 354 -16.11 29.22 -4.57
C GLY B 354 -14.96 29.81 -3.78
N ALA B 355 -15.22 30.20 -2.54
CA ALA B 355 -14.16 30.68 -1.66
C ALA B 355 -13.15 29.57 -1.45
N LYS B 356 -11.86 29.89 -1.56
CA LYS B 356 -10.80 28.90 -1.48
C LYS B 356 -10.80 28.16 -0.15
N ILE B 357 -11.24 28.84 0.91
CA ILE B 357 -11.17 28.28 2.25
C ILE B 357 -12.03 27.02 2.37
N LEU B 358 -13.06 26.93 1.55
CA LEU B 358 -13.96 25.77 1.55
C LEU B 358 -13.21 24.48 1.25
N GLN B 359 -12.06 24.59 0.60
CA GLN B 359 -11.29 23.42 0.17
C GLN B 359 -10.02 23.23 0.99
N GLU B 360 -9.82 24.05 2.00
CA GLU B 360 -8.58 24.00 2.77
C GLU B 360 -8.76 23.42 4.15
N GLU B 361 -7.65 22.95 4.74
CA GLU B 361 -7.65 22.47 6.12
C GLU B 361 -7.34 23.62 7.07
N LEU B 362 -8.22 23.84 8.03
CA LEU B 362 -8.02 24.89 9.04
C LEU B 362 -7.44 24.25 10.30
N PHE B 363 -6.13 24.39 10.46
CA PHE B 363 -5.39 23.71 11.52
C PHE B 363 -5.23 24.64 12.71
N ALA B 364 -6.36 24.93 13.35
CA ALA B 364 -6.49 25.97 14.34
C ALA B 364 -7.96 25.91 14.77
N PRO B 365 -8.33 26.54 15.90
CA PRO B 365 -9.70 26.33 16.39
C PRO B 365 -10.71 27.20 15.66
N VAL B 366 -10.85 26.98 14.36
CA VAL B 366 -11.67 27.84 13.50
C VAL B 366 -12.73 26.98 12.80
N ALA B 367 -13.98 27.16 13.22
CA ALA B 367 -15.10 26.39 12.68
C ALA B 367 -15.74 27.10 11.49
N MET B 368 -15.88 26.39 10.38
CA MET B 368 -16.76 26.85 9.29
C MET B 368 -18.15 26.29 9.52
N VAL B 369 -19.18 27.10 9.35
CA VAL B 369 -20.56 26.69 9.59
C VAL B 369 -21.43 26.85 8.35
N PHE B 370 -22.24 25.82 8.08
CA PHE B 370 -23.10 25.76 6.90
C PHE B 370 -24.49 25.31 7.32
N THR B 371 -25.50 25.73 6.57
CA THR B 371 -26.85 25.21 6.76
C THR B 371 -27.29 24.45 5.52
N VAL B 372 -28.00 23.34 5.74
CA VAL B 372 -28.53 22.52 4.66
C VAL B 372 -30.00 22.19 4.94
N LYS B 373 -30.71 21.73 3.91
CA LYS B 373 -32.17 21.53 4.02
C LYS B 373 -32.59 20.08 4.11
N ASP B 374 -31.72 19.16 3.71
CA ASP B 374 -32.08 17.75 3.73
C ASP B 374 -30.84 16.87 3.71
N LEU B 375 -31.07 15.55 3.76
CA LEU B 375 -30.02 14.56 3.82
C LEU B 375 -29.10 14.57 2.59
N ASP B 376 -29.68 14.63 1.40
CA ASP B 376 -28.88 14.65 0.17
C ASP B 376 -27.93 15.86 0.14
N GLN B 377 -28.44 17.02 0.55
CA GLN B 377 -27.62 18.23 0.55
C GLN B 377 -26.49 18.13 1.57
N ALA B 378 -26.78 17.52 2.72
CA ALA B 378 -25.78 17.37 3.78
C ALA B 378 -24.64 16.49 3.28
N ILE B 379 -24.98 15.39 2.62
CA ILE B 379 -23.98 14.44 2.14
C ILE B 379 -23.13 15.05 1.03
N ALA B 380 -23.77 15.74 0.10
CA ALA B 380 -23.05 16.38 -0.99
C ALA B 380 -22.05 17.41 -0.45
N LEU B 381 -22.49 18.25 0.49
CA LEU B 381 -21.59 19.25 1.06
C LEU B 381 -20.47 18.61 1.87
N ALA B 382 -20.82 17.61 2.68
CA ALA B 382 -19.82 16.91 3.48
C ALA B 382 -18.69 16.36 2.62
N ASN B 383 -19.05 15.85 1.43
CA ASN B 383 -18.07 15.21 0.55
C ASN B 383 -17.39 16.16 -0.44
N ASP B 384 -17.82 17.42 -0.47
CA ASP B 384 -17.32 18.38 -1.44
C ASP B 384 -15.98 18.99 -1.02
N ILE B 385 -15.00 18.11 -0.82
CA ILE B 385 -13.67 18.51 -0.39
C ILE B 385 -12.66 17.54 -1.00
N PRO B 386 -11.37 17.93 -1.04
CA PRO B 386 -10.36 17.00 -1.57
C PRO B 386 -10.00 15.91 -0.55
N PHE B 387 -10.27 16.19 0.72
CA PHE B 387 -9.91 15.29 1.82
C PHE B 387 -10.99 14.25 2.03
N GLY B 388 -10.70 13.25 2.87
CA GLY B 388 -11.66 12.22 3.18
C GLY B 388 -11.19 11.39 4.35
N LEU B 389 -10.94 12.05 5.48
CA LEU B 389 -10.40 11.36 6.64
C LEU B 389 -11.50 10.85 7.56
N GLY B 390 -12.10 11.73 8.35
CA GLY B 390 -13.21 11.36 9.21
C GLY B 390 -14.49 12.10 8.92
N ALA B 391 -15.56 11.69 9.60
CA ALA B 391 -16.85 12.34 9.47
C ALA B 391 -17.68 12.00 10.69
N SER B 392 -18.42 12.98 11.21
CA SER B 392 -19.30 12.77 12.34
C SER B 392 -20.70 13.23 11.96
N ALA B 393 -21.71 12.43 12.29
CA ALA B 393 -23.10 12.78 11.99
C ALA B 393 -23.99 12.49 13.18
N TRP B 394 -24.92 13.41 13.44
CA TRP B 394 -25.76 13.37 14.63
C TRP B 394 -27.23 13.27 14.25
N THR B 395 -27.82 12.12 14.56
CA THR B 395 -29.20 11.81 14.22
C THR B 395 -29.59 10.52 14.93
N ASN B 396 -30.87 10.43 15.28
CA ASN B 396 -31.39 9.23 15.90
C ASN B 396 -32.42 8.52 15.04
N ASP B 397 -32.46 8.88 13.78
CA ASP B 397 -33.25 8.16 12.78
C ASP B 397 -32.39 7.08 12.14
N PRO B 398 -32.78 5.82 12.29
CA PRO B 398 -31.97 4.71 11.75
C PRO B 398 -31.68 4.82 10.26
N ALA B 399 -32.66 5.21 9.45
CA ALA B 399 -32.44 5.34 8.02
C ALA B 399 -31.40 6.43 7.69
N GLU B 400 -31.47 7.56 8.40
CA GLU B 400 -30.46 8.60 8.22
C GLU B 400 -29.08 8.10 8.64
N GLN B 401 -29.02 7.41 9.77
CA GLN B 401 -27.76 6.87 10.27
C GLN B 401 -27.10 5.98 9.22
N GLN B 402 -27.89 5.11 8.61
CA GLN B 402 -27.36 4.20 7.62
C GLN B 402 -26.90 4.91 6.35
N ARG B 403 -27.63 5.91 5.90
CA ARG B 403 -27.21 6.69 4.74
C ARG B 403 -25.91 7.45 4.99
N PHE B 404 -25.78 8.07 6.17
CA PHE B 404 -24.53 8.76 6.52
C PHE B 404 -23.35 7.77 6.54
N ILE B 405 -23.54 6.63 7.20
CA ILE B 405 -22.50 5.60 7.26
C ILE B 405 -22.08 5.16 5.87
N GLN B 406 -23.07 4.93 5.01
CA GLN B 406 -22.80 4.42 3.67
C GLN B 406 -22.19 5.45 2.72
N GLU B 407 -22.67 6.69 2.79
CA GLU B 407 -22.41 7.65 1.74
C GLU B 407 -21.39 8.76 2.05
N LEU B 408 -21.01 8.91 3.32
CA LEU B 408 -19.96 9.88 3.64
C LEU B 408 -18.62 9.32 3.16
N ASP B 409 -17.92 10.11 2.35
CA ASP B 409 -16.68 9.67 1.72
C ASP B 409 -15.51 9.92 2.65
N ALA B 410 -15.31 8.99 3.59
CA ALA B 410 -14.31 9.15 4.62
C ALA B 410 -13.83 7.78 5.08
N GLY B 411 -12.65 7.74 5.68
CA GLY B 411 -12.12 6.52 6.25
C GLY B 411 -12.80 6.14 7.56
N ALA B 412 -13.45 7.09 8.21
CA ALA B 412 -14.15 6.80 9.46
C ALA B 412 -15.43 7.59 9.55
N VAL B 413 -16.52 6.92 9.94
CA VAL B 413 -17.79 7.60 10.17
C VAL B 413 -18.29 7.29 11.57
N PHE B 414 -18.46 8.34 12.37
CA PHE B 414 -18.95 8.25 13.73
C PHE B 414 -20.35 8.82 13.80
N ILE B 415 -21.27 8.04 14.37
CA ILE B 415 -22.66 8.47 14.55
C ILE B 415 -22.93 8.80 16.02
N ASN B 416 -23.33 10.04 16.27
CA ASN B 416 -23.63 10.54 17.63
C ASN B 416 -22.41 10.52 18.55
N GLY B 417 -21.24 10.72 17.96
CA GLY B 417 -20.02 10.90 18.73
C GLY B 417 -18.97 11.57 17.86
N MET B 418 -17.95 12.14 18.50
CA MET B 418 -16.83 12.71 17.74
C MET B 418 -15.89 11.62 17.26
N VAL B 419 -15.30 11.83 16.08
CA VAL B 419 -14.30 10.91 15.57
C VAL B 419 -13.09 10.87 16.51
N LYS B 420 -12.66 9.66 16.85
CA LYS B 420 -11.46 9.44 17.65
C LYS B 420 -10.73 8.24 17.10
N SER B 421 -9.42 8.23 17.23
CA SER B 421 -8.66 7.02 16.94
C SER B 421 -8.63 6.16 18.20
N ASP B 422 -8.54 4.84 18.02
CA ASP B 422 -8.63 3.87 19.09
C ASP B 422 -7.80 2.68 18.64
N PRO B 423 -6.83 2.21 19.46
CA PRO B 423 -5.98 1.09 19.02
C PRO B 423 -6.77 -0.13 18.54
N ARG B 424 -8.00 -0.29 19.02
CA ARG B 424 -8.80 -1.46 18.68
C ARG B 424 -9.39 -1.47 17.27
N LEU B 425 -9.38 -0.32 16.60
CA LEU B 425 -10.00 -0.16 15.29
C LEU B 425 -9.02 0.46 14.32
N PRO B 426 -8.99 -0.02 13.06
CA PRO B 426 -8.12 0.63 12.07
C PRO B 426 -8.46 2.10 11.88
N PHE B 427 -7.45 2.86 11.44
CA PHE B 427 -7.54 4.30 11.30
C PHE B 427 -6.75 4.78 10.09
N GLY B 428 -7.41 5.53 9.21
CA GLY B 428 -6.73 6.10 8.07
C GLY B 428 -7.67 6.81 7.12
N GLY B 429 -7.08 7.42 6.09
CA GLY B 429 -7.82 8.27 5.19
C GLY B 429 -8.13 7.69 3.84
N THR B 430 -8.88 8.47 3.07
CA THR B 430 -9.15 8.22 1.66
C THR B 430 -8.95 9.53 0.93
N LYS B 431 -9.06 9.48 -0.39
CA LYS B 431 -8.91 10.69 -1.21
C LYS B 431 -7.55 11.35 -0.88
N ARG B 432 -7.49 12.67 -0.80
CA ARG B 432 -6.21 13.33 -0.55
C ARG B 432 -5.76 13.23 0.92
N SER B 433 -6.57 12.61 1.77
CA SER B 433 -6.15 12.38 3.15
C SER B 433 -5.20 11.19 3.30
N GLY B 434 -4.97 10.45 2.22
CA GLY B 434 -4.02 9.35 2.25
C GLY B 434 -4.61 7.98 1.97
N TYR B 435 -3.90 6.96 2.43
CA TYR B 435 -4.23 5.57 2.15
C TYR B 435 -3.45 4.71 3.14
N GLY B 436 -3.91 3.48 3.29
CA GLY B 436 -3.37 2.59 4.30
C GLY B 436 -4.05 2.81 5.64
N ARG B 437 -3.91 1.82 6.52
CA ARG B 437 -4.53 1.88 7.84
C ARG B 437 -3.54 1.55 8.95
N GLU B 438 -3.56 2.38 9.99
CA GLU B 438 -2.84 2.10 11.23
C GLU B 438 -3.83 1.53 12.22
N LEU B 439 -3.31 0.97 13.31
CA LEU B 439 -4.12 0.44 14.42
C LEU B 439 -4.90 -0.83 14.05
N GLY B 440 -5.51 -1.45 15.06
CA GLY B 440 -6.17 -2.72 14.88
C GLY B 440 -5.25 -3.76 14.26
N LEU B 441 -5.83 -4.73 13.57
CA LEU B 441 -5.03 -5.72 12.86
C LEU B 441 -4.21 -5.06 11.76
N ALA B 442 -4.83 -4.11 11.04
CA ALA B 442 -4.18 -3.47 9.90
C ALA B 442 -2.81 -2.89 10.24
N GLY B 443 -2.71 -2.27 11.41
CA GLY B 443 -1.48 -1.59 11.79
C GLY B 443 -0.26 -2.49 11.81
N ILE B 444 -0.44 -3.75 12.20
CA ILE B 444 0.68 -4.67 12.26
C ILE B 444 0.87 -5.49 10.98
N ARG B 445 -0.11 -5.42 10.09
CA ARG B 445 -0.02 -6.11 8.80
C ARG B 445 0.53 -5.25 7.68
N THR B 446 0.61 -3.94 7.90
CA THR B 446 0.99 -3.02 6.82
C THR B 446 2.41 -3.23 6.28
N PHE B 447 3.38 -3.29 7.18
CA PHE B 447 4.78 -3.37 6.78
C PHE B 447 5.42 -4.71 7.16
N VAL B 448 4.76 -5.78 6.74
CA VAL B 448 5.32 -7.12 6.83
C VAL B 448 5.26 -7.76 5.46
N ASN B 449 6.14 -8.73 5.25
CA ASN B 449 6.08 -9.64 4.13
C ASN B 449 5.06 -10.71 4.46
N ALA B 450 3.91 -10.68 3.79
CA ALA B 450 2.96 -11.79 3.87
C ALA B 450 3.49 -12.84 2.90
N LYS B 451 4.15 -13.84 3.46
CA LYS B 451 4.87 -14.85 2.69
C LYS B 451 3.98 -16.07 2.52
N THR B 452 3.62 -16.38 1.28
CA THR B 452 2.86 -17.60 1.01
C THR B 452 3.80 -18.79 1.01
N VAL B 453 3.40 -19.84 1.75
CA VAL B 453 4.19 -21.05 1.89
C VAL B 453 3.37 -22.23 1.38
N TRP B 454 3.99 -23.08 0.58
CA TRP B 454 3.34 -24.26 0.02
C TRP B 454 4.33 -25.40 0.18
N LEU B 455 3.92 -26.47 0.86
CA LEU B 455 4.78 -27.62 1.07
C LEU B 455 4.07 -28.86 0.56
N LYS B 456 4.72 -29.56 -0.38
CA LYS B 456 4.12 -30.73 -1.02
C LYS B 456 3.70 -31.79 -0.01
#